data_2WNU
#
_entry.id   2WNU
#
_cell.length_a   48.090
_cell.length_b   48.160
_cell.length_c   87.730
_cell.angle_alpha   92.86
_cell.angle_beta   92.20
_cell.angle_gamma   113.64
#
_symmetry.space_group_name_H-M   'P 1'
#
loop_
_entity.id
_entity.type
_entity.pdbx_description
1 polymer 'COMPLEMENT C1Q SUBCOMPONENT SUBUNIT A'
2 polymer 'COMPLEMENT C1Q SUBCOMPONENT SUBUNIT B'
3 polymer 'COMPLEMENT C1Q SUBCOMPONENT SUBUNIT C'
4 branched '2-O-sulfo-beta-L-altropyranuronic acid-(1-4)-2-deoxy-6-O-sulfo-2-(sulfoamino)-alpha-D-glucopyranose'
5 non-polymer 2-acetamido-2-deoxy-beta-D-glucopyranose
6 water water
#
loop_
_entity_poly.entity_id
_entity_poly.type
_entity_poly.pdbx_seq_one_letter_code
_entity_poly.pdbx_strand_id
1 'polypeptide(L)'
;QPRPAFSAIRRNPPMGGNVVIFDTVITNQEEPYQNHSGRFVCTVPGYYYFTFQVLSQWEICLSIVSSSRGQVRRSLGFCD
TTNKGLFQVVSGGMVLQLQQGDQVWVEKDPKKGHIYQGSEADSVFSGFLIFPSA
;
A,D
2 'polypeptide(L)'
;ATQKIAFSATRTINVPLRRDQTIRFDHVITNMNNNYEPRSGKFTCKVPGLYYFTYHASSRGNLCVNLMRGRERAQKVVTF
CDYAYNTFQVTTGGMVLKLEQGENVFLQATDKNSLLGMEGANSIFSGFLLFPDMEA
;
B,E
3 'polypeptide(L)'
;KQKFQSVFTVTRQTHQPPAPNSLIRFNAVLTNPQGDYDTSTGKFTCKVPGLYYFVYHASHTANLCVLLYRSGVKVVTFCG
HTSKTNQVNSGGVLLRLQVGEEVWLAVNDYYDMVGIQGSDSVFSGFLLFPD
;
C,F
#
loop_
_chem_comp.id
_chem_comp.type
_chem_comp.name
_chem_comp.formula
IDU L-saccharide, beta linking '2-O-sulfo-beta-L-altropyranuronic acid' 'C6 H10 O10 S'
NAG D-saccharide, beta linking 2-acetamido-2-deoxy-beta-D-glucopyranose 'C8 H15 N O6'
SGN D-saccharide, alpha linking 2-deoxy-6-O-sulfo-2-(sulfoamino)-alpha-D-glucopyranose 'C6 H13 N O11 S2'
#
# COMPACT_ATOMS: atom_id res chain seq x y z
N GLN A 1 -19.43 21.46 20.75
CA GLN A 1 -18.78 20.24 20.17
C GLN A 1 -19.01 20.11 18.65
N PRO A 2 -17.95 19.74 17.88
CA PRO A 2 -18.07 19.53 16.43
C PRO A 2 -18.91 18.31 16.05
N ARG A 3 -19.77 18.47 15.04
CA ARG A 3 -20.59 17.36 14.55
C ARG A 3 -20.59 17.26 13.00
N PRO A 4 -19.40 17.33 12.35
CA PRO A 4 -19.39 17.36 10.89
C PRO A 4 -19.67 15.99 10.28
N ALA A 5 -20.71 15.92 9.46
CA ALA A 5 -21.20 14.67 8.88
C ALA A 5 -22.11 14.97 7.70
N PHE A 6 -21.93 14.23 6.61
CA PHE A 6 -22.67 14.49 5.39
C PHE A 6 -23.05 13.24 4.59
N SER A 7 -24.10 13.38 3.78
CA SER A 7 -24.42 12.41 2.74
C SER A 7 -25.00 13.17 1.58
N ALA A 8 -24.56 12.83 0.37
CA ALA A 8 -25.07 13.49 -0.82
C ALA A 8 -25.24 12.48 -1.91
N ILE A 9 -26.28 12.66 -2.71
CA ILE A 9 -26.57 11.74 -3.79
C ILE A 9 -26.53 12.43 -5.16
N ARG A 10 -26.60 11.63 -6.22
CA ARG A 10 -26.59 12.12 -7.58
C ARG A 10 -28.00 12.16 -8.16
N ARG A 11 -28.40 13.32 -8.68
CA ARG A 11 -29.69 13.43 -9.39
C ARG A 11 -29.60 14.31 -10.65
N ASN A 12 -29.27 15.58 -10.48
CA ASN A 12 -28.90 16.43 -11.62
C ASN A 12 -27.46 16.96 -11.48
N PRO A 13 -26.46 16.07 -11.66
CA PRO A 13 -25.08 16.50 -11.48
C PRO A 13 -24.53 17.33 -12.64
N PRO A 14 -23.78 18.41 -12.32
CA PRO A 14 -23.04 19.16 -13.32
C PRO A 14 -21.89 18.30 -13.84
N MET A 15 -21.96 17.92 -15.12
CA MET A 15 -21.01 16.97 -15.71
C MET A 15 -19.80 17.70 -16.26
N GLY A 16 -18.70 16.97 -16.40
CA GLY A 16 -17.43 17.55 -16.82
C GLY A 16 -16.38 17.44 -15.74
N GLY A 17 -15.19 17.01 -16.14
CA GLY A 17 -14.10 16.81 -15.20
C GLY A 17 -14.15 15.41 -14.63
N ASN A 18 -13.10 15.05 -13.93
CA ASN A 18 -13.00 13.73 -13.35
C ASN A 18 -13.53 13.66 -11.91
N VAL A 19 -13.79 14.83 -11.29
CA VAL A 19 -14.43 14.90 -9.96
C VAL A 19 -15.89 14.47 -10.08
N VAL A 20 -16.30 13.54 -9.22
CA VAL A 20 -17.70 13.10 -9.18
C VAL A 20 -18.50 13.96 -8.21
N ILE A 21 -19.43 14.73 -8.77
CA ILE A 21 -20.24 15.65 -8.00
C ILE A 21 -21.56 15.04 -7.61
N PHE A 22 -21.77 14.92 -6.30
CA PHE A 22 -23.04 14.50 -5.74
C PHE A 22 -23.89 15.74 -5.37
N ASP A 23 -24.69 16.19 -6.34
CA ASP A 23 -25.40 17.46 -6.29
C ASP A 23 -26.52 17.60 -5.23
N THR A 24 -27.15 16.49 -4.86
CA THR A 24 -28.31 16.54 -3.98
C THR A 24 -27.93 16.13 -2.56
N VAL A 25 -27.93 17.10 -1.67
CA VAL A 25 -27.55 16.89 -0.28
C VAL A 25 -28.70 16.24 0.49
N ILE A 26 -28.36 15.19 1.24
CA ILE A 26 -29.32 14.55 2.15
C ILE A 26 -29.05 15.07 3.56
N THR A 27 -27.76 15.17 3.91
CA THR A 27 -27.30 15.59 5.23
C THR A 27 -25.99 16.35 5.05
N ASN A 28 -25.79 17.40 5.83
CA ASN A 28 -24.63 18.28 5.71
C ASN A 28 -24.46 19.07 6.99
N GLN A 29 -24.30 18.37 8.11
CA GLN A 29 -24.19 19.06 9.39
C GLN A 29 -22.90 19.84 9.42
N GLU A 30 -23.04 21.14 9.67
CA GLU A 30 -21.94 22.11 9.66
C GLU A 30 -21.44 22.42 8.26
N GLU A 31 -22.28 22.09 7.27
CA GLU A 31 -22.05 22.30 5.83
C GLU A 31 -20.61 22.11 5.30
N PRO A 32 -19.94 20.98 5.64
CA PRO A 32 -18.58 20.81 5.14
C PRO A 32 -18.52 20.42 3.66
N TYR A 33 -19.64 19.91 3.14
CA TYR A 33 -19.70 19.40 1.77
C TYR A 33 -20.26 20.42 0.79
N GLN A 34 -19.52 20.68 -0.29
CA GLN A 34 -19.93 21.61 -1.35
C GLN A 34 -20.62 20.84 -2.49
N ASN A 35 -21.94 20.99 -2.59
CA ASN A 35 -22.74 20.24 -3.57
C ASN A 35 -22.51 20.65 -5.03
N HIS A 36 -21.98 21.86 -5.22
CA HIS A 36 -21.69 22.36 -6.57
C HIS A 36 -20.33 21.89 -7.12
N SER A 37 -19.38 21.59 -6.22
CA SER A 37 -18.03 21.13 -6.62
C SER A 37 -17.78 19.64 -6.32
N GLY A 38 -18.57 19.07 -5.42
CA GLY A 38 -18.39 17.68 -4.99
C GLY A 38 -17.30 17.47 -3.94
N ARG A 39 -16.88 18.56 -3.29
CA ARG A 39 -15.76 18.51 -2.38
C ARG A 39 -16.16 18.69 -0.92
N PHE A 40 -15.59 17.85 -0.07
CA PHE A 40 -15.68 18.00 1.39
C PHE A 40 -14.53 18.90 1.82
N VAL A 41 -14.82 19.87 2.68
CA VAL A 41 -13.79 20.72 3.27
C VAL A 41 -13.72 20.45 4.76
N CYS A 42 -12.52 20.12 5.22
CA CYS A 42 -12.23 19.93 6.63
C CYS A 42 -12.11 21.27 7.36
N THR A 43 -12.96 21.48 8.35
CA THR A 43 -12.84 22.61 9.26
C THR A 43 -12.15 22.12 10.53
N VAL A 44 -12.68 21.03 11.09
CA VAL A 44 -12.22 20.46 12.34
C VAL A 44 -11.16 19.38 12.08
N PRO A 45 -9.90 19.63 12.49
CA PRO A 45 -8.85 18.64 12.31
C PRO A 45 -9.17 17.35 13.06
N GLY A 46 -8.88 16.21 12.46
CA GLY A 46 -9.16 14.93 13.10
C GLY A 46 -9.20 13.73 12.18
N TYR A 47 -9.69 12.61 12.70
CA TYR A 47 -9.86 11.41 11.90
C TYR A 47 -11.29 11.31 11.42
N TYR A 48 -11.45 11.14 10.11
CA TYR A 48 -12.74 11.08 9.47
C TYR A 48 -12.95 9.72 8.79
N TYR A 49 -14.19 9.27 8.71
CA TYR A 49 -14.49 8.17 7.81
C TYR A 49 -15.15 8.69 6.52
N PHE A 50 -14.69 8.19 5.37
CA PHE A 50 -15.26 8.54 4.07
C PHE A 50 -15.65 7.27 3.32
N THR A 51 -16.86 7.25 2.75
CA THR A 51 -17.31 6.08 2.00
C THR A 51 -18.21 6.42 0.82
N PHE A 52 -18.13 5.62 -0.24
CA PHE A 52 -19.05 5.78 -1.38
C PHE A 52 -19.70 4.48 -1.80
N GLN A 53 -20.92 4.57 -2.32
CA GLN A 53 -21.61 3.46 -2.94
C GLN A 53 -22.19 4.00 -4.26
N VAL A 54 -21.54 3.69 -5.38
CA VAL A 54 -21.85 4.32 -6.65
C VAL A 54 -22.33 3.33 -7.72
N LEU A 55 -23.43 3.70 -8.38
CA LEU A 55 -24.08 2.85 -9.37
C LEU A 55 -23.52 3.01 -10.78
N SER A 56 -23.15 1.90 -11.38
CA SER A 56 -22.70 1.87 -12.78
C SER A 56 -23.37 0.73 -13.50
N GLN A 57 -23.31 0.76 -14.83
CA GLN A 57 -23.84 -0.31 -15.67
C GLN A 57 -22.76 -0.88 -16.58
N TRP A 58 -21.64 -0.18 -16.67
CA TRP A 58 -20.59 -0.53 -17.60
C TRP A 58 -19.24 -0.76 -16.92
N GLU A 59 -18.32 0.19 -17.01
CA GLU A 59 -17.08 0.12 -16.26
C GLU A 59 -16.89 1.36 -15.43
N ILE A 60 -16.47 1.14 -14.18
CA ILE A 60 -16.21 2.23 -13.25
C ILE A 60 -14.99 1.96 -12.37
N CYS A 61 -14.08 2.92 -12.35
CA CYS A 61 -13.01 2.96 -11.37
C CYS A 61 -13.08 4.28 -10.60
N LEU A 62 -13.09 4.19 -9.28
CA LEU A 62 -13.33 5.34 -8.43
C LEU A 62 -12.30 5.44 -7.33
N SER A 63 -11.90 6.67 -7.01
CA SER A 63 -10.87 6.92 -5.99
C SER A 63 -11.27 8.05 -5.03
N ILE A 64 -11.08 7.82 -3.73
CA ILE A 64 -11.22 8.88 -2.73
C ILE A 64 -9.87 9.60 -2.69
N VAL A 65 -9.89 10.85 -3.15
CA VAL A 65 -8.71 11.70 -3.27
C VAL A 65 -8.85 12.83 -2.25
N SER A 66 -7.72 13.39 -1.79
CA SER A 66 -7.76 14.57 -0.90
C SER A 66 -6.70 15.58 -1.30
N SER A 67 -6.77 16.78 -0.73
CA SER A 67 -5.67 17.74 -0.87
C SER A 67 -5.27 18.41 0.46
N SER A 68 -3.99 18.78 0.57
CA SER A 68 -3.50 19.64 1.65
C SER A 68 -2.63 20.75 1.05
N ARG A 69 -2.99 22.00 1.35
CA ARG A 69 -2.35 23.19 0.79
C ARG A 69 -2.44 23.23 -0.74
N GLY A 70 -3.54 22.72 -1.28
CA GLY A 70 -3.77 22.70 -2.71
C GLY A 70 -3.12 21.56 -3.49
N GLN A 71 -2.26 20.77 -2.82
CA GLN A 71 -1.56 19.68 -3.46
C GLN A 71 -2.35 18.38 -3.39
N VAL A 72 -2.64 17.81 -4.56
CA VAL A 72 -3.52 16.65 -4.66
C VAL A 72 -2.81 15.41 -4.12
N ARG A 73 -3.52 14.66 -3.27
CA ARG A 73 -3.01 13.43 -2.70
C ARG A 73 -3.87 12.26 -3.16
N ARG A 74 -3.39 11.55 -4.18
CA ARG A 74 -4.07 10.40 -4.76
C ARG A 74 -4.04 9.21 -3.81
N SER A 75 -5.06 8.36 -3.90
CA SER A 75 -5.20 7.24 -2.99
C SER A 75 -5.66 5.95 -3.68
N LEU A 76 -6.23 5.04 -2.88
CA LEU A 76 -6.67 3.73 -3.30
C LEU A 76 -7.80 3.87 -4.32
N GLY A 77 -7.96 2.85 -5.15
CA GLY A 77 -9.05 2.80 -6.11
C GLY A 77 -9.97 1.63 -5.88
N PHE A 78 -11.19 1.74 -6.41
CA PHE A 78 -12.18 0.66 -6.38
C PHE A 78 -12.95 0.64 -7.69
N CYS A 79 -13.02 -0.56 -8.29
CA CYS A 79 -13.59 -0.73 -9.62
C CYS A 79 -14.63 -1.83 -9.71
N ASP A 80 -15.61 -1.60 -10.57
CA ASP A 80 -16.46 -2.65 -11.11
C ASP A 80 -16.37 -2.62 -12.65
N THR A 81 -15.89 -3.72 -13.22
CA THR A 81 -15.73 -3.83 -14.66
C THR A 81 -16.57 -4.95 -15.27
N THR A 82 -17.67 -5.31 -14.61
CA THR A 82 -18.58 -6.34 -15.11
C THR A 82 -18.94 -6.07 -16.56
N ASN A 83 -19.34 -4.83 -16.83
CA ASN A 83 -19.50 -4.32 -18.20
C ASN A 83 -20.54 -5.11 -19.00
N LYS A 84 -21.71 -5.32 -18.38
CA LYS A 84 -22.80 -6.09 -18.97
C LYS A 84 -24.09 -5.28 -19.11
N GLY A 85 -24.06 -4.02 -18.70
CA GLY A 85 -25.23 -3.15 -18.85
C GLY A 85 -26.24 -3.27 -17.73
N LEU A 86 -25.89 -4.01 -16.69
CA LEU A 86 -26.74 -4.19 -15.53
C LEU A 86 -26.17 -3.51 -14.29
N PHE A 87 -27.06 -3.01 -13.45
CA PHE A 87 -26.70 -2.32 -12.21
C PHE A 87 -25.65 -3.08 -11.40
N GLN A 88 -24.55 -2.39 -11.09
CA GLN A 88 -23.56 -2.88 -10.14
C GLN A 88 -23.18 -1.71 -9.25
N VAL A 89 -23.09 -1.99 -7.96
CA VAL A 89 -22.65 -0.99 -6.98
C VAL A 89 -21.16 -1.20 -6.67
N VAL A 90 -20.35 -0.22 -7.05
CA VAL A 90 -18.96 -0.18 -6.62
C VAL A 90 -18.87 0.56 -5.29
N SER A 91 -18.07 0.04 -4.37
CA SER A 91 -17.96 0.62 -3.04
C SER A 91 -16.52 0.74 -2.57
N GLY A 92 -16.27 1.71 -1.69
CA GLY A 92 -14.96 1.94 -1.12
C GLY A 92 -15.11 2.80 0.12
N GLY A 93 -14.02 2.96 0.85
CA GLY A 93 -14.02 3.75 2.05
C GLY A 93 -12.68 3.65 2.75
N MET A 94 -12.36 4.69 3.52
CA MET A 94 -11.16 4.71 4.35
C MET A 94 -11.25 5.78 5.43
N VAL A 95 -10.46 5.60 6.49
CA VAL A 95 -10.20 6.65 7.45
C VAL A 95 -9.15 7.60 6.85
N LEU A 96 -9.38 8.90 7.02
CA LEU A 96 -8.39 9.94 6.68
C LEU A 96 -8.14 10.87 7.85
N GLN A 97 -6.89 10.99 8.27
CA GLN A 97 -6.52 12.04 9.20
C GLN A 97 -6.37 13.33 8.41
N LEU A 98 -7.16 14.34 8.79
CA LEU A 98 -7.24 15.59 8.05
C LEU A 98 -6.84 16.78 8.91
N GLN A 99 -6.20 17.75 8.25
CA GLN A 99 -5.90 19.06 8.82
C GLN A 99 -6.93 20.07 8.31
N GLN A 100 -7.04 21.19 9.02
CA GLN A 100 -7.85 22.34 8.64
C GLN A 100 -7.63 22.79 7.19
N GLY A 101 -8.70 22.87 6.41
CA GLY A 101 -8.58 23.30 5.02
C GLY A 101 -8.41 22.17 4.01
N ASP A 102 -8.03 20.98 4.48
CA ASP A 102 -7.92 19.81 3.61
C ASP A 102 -9.25 19.52 2.91
N GLN A 103 -9.19 19.25 1.61
CA GLN A 103 -10.38 18.91 0.83
C GLN A 103 -10.39 17.43 0.49
N VAL A 104 -11.57 16.83 0.46
CA VAL A 104 -11.74 15.42 0.07
C VAL A 104 -12.84 15.29 -1.00
N TRP A 105 -12.61 14.43 -1.99
CA TRP A 105 -13.59 14.21 -3.06
C TRP A 105 -13.40 12.85 -3.74
N VAL A 106 -14.42 12.43 -4.50
CA VAL A 106 -14.33 11.21 -5.31
C VAL A 106 -13.98 11.56 -6.76
N GLU A 107 -12.98 10.89 -7.30
CA GLU A 107 -12.62 11.02 -8.70
C GLU A 107 -12.81 9.72 -9.46
N LYS A 108 -13.30 9.82 -10.68
CA LYS A 108 -13.38 8.67 -11.57
C LYS A 108 -12.16 8.56 -12.48
N ASP A 109 -11.91 7.33 -12.93
CA ASP A 109 -10.96 7.04 -13.99
C ASP A 109 -11.55 7.61 -15.28
N PRO A 110 -10.78 8.46 -15.99
CA PRO A 110 -11.18 8.92 -17.34
C PRO A 110 -11.52 7.79 -18.33
N LYS A 111 -10.80 6.68 -18.25
CA LYS A 111 -11.02 5.55 -19.16
C LYS A 111 -12.16 4.61 -18.75
N LYS A 112 -12.56 4.70 -17.48
CA LYS A 112 -13.63 3.86 -16.90
C LYS A 112 -14.40 4.68 -15.88
N GLY A 113 -15.42 5.39 -16.34
CA GLY A 113 -16.17 6.27 -15.45
C GLY A 113 -17.62 6.37 -15.82
N HIS A 114 -18.26 5.24 -16.11
CA HIS A 114 -19.71 5.26 -16.28
C HIS A 114 -20.44 5.23 -14.94
N ILE A 115 -21.19 6.29 -14.68
CA ILE A 115 -22.09 6.34 -13.55
C ILE A 115 -23.51 6.46 -14.07
N TYR A 116 -24.39 5.63 -13.53
CA TYR A 116 -25.80 5.70 -13.85
C TYR A 116 -26.39 7.09 -13.59
N GLN A 117 -27.12 7.59 -14.59
CA GLN A 117 -27.94 8.80 -14.48
C GLN A 117 -29.41 8.42 -14.70
N GLY A 118 -30.25 8.65 -13.68
CA GLY A 118 -31.66 8.28 -13.74
C GLY A 118 -32.30 8.19 -12.38
N SER A 119 -33.54 7.72 -12.34
CA SER A 119 -34.34 7.77 -11.11
C SER A 119 -34.62 6.41 -10.45
N GLU A 120 -34.22 5.32 -11.10
CA GLU A 120 -34.43 3.98 -10.55
C GLU A 120 -33.64 3.71 -9.28
N ALA A 121 -32.39 4.17 -9.24
CA ALA A 121 -31.51 3.90 -8.11
C ALA A 121 -30.49 5.01 -7.86
N ASP A 122 -29.81 4.94 -6.72
CA ASP A 122 -28.98 6.06 -6.25
C ASP A 122 -27.49 5.74 -6.09
N SER A 123 -26.66 6.77 -6.25
CA SER A 123 -25.25 6.69 -5.87
C SER A 123 -25.03 7.66 -4.70
N VAL A 124 -24.21 7.26 -3.73
CA VAL A 124 -24.04 8.02 -2.48
C VAL A 124 -22.57 8.24 -2.09
N PHE A 125 -22.26 9.46 -1.63
CA PHE A 125 -20.96 9.81 -1.04
C PHE A 125 -21.21 10.30 0.38
N SER A 126 -20.54 9.67 1.34
CA SER A 126 -20.73 10.00 2.76
C SER A 126 -19.42 10.19 3.49
N GLY A 127 -19.45 10.96 4.57
CA GLY A 127 -18.29 11.15 5.42
C GLY A 127 -18.67 11.68 6.78
N PHE A 128 -17.87 11.36 7.79
CA PHE A 128 -18.09 11.89 9.13
C PHE A 128 -16.82 11.86 9.97
N LEU A 129 -16.72 12.82 10.89
CA LEU A 129 -15.67 12.81 11.91
C LEU A 129 -15.83 11.62 12.85
N ILE A 130 -14.71 10.95 13.13
CA ILE A 130 -14.62 9.87 14.12
C ILE A 130 -14.18 10.47 15.46
N PHE A 131 -13.08 11.21 15.45
CA PHE A 131 -12.66 12.01 16.60
C PHE A 131 -11.71 13.13 16.19
N PRO A 132 -11.83 14.31 16.84
CA PRO A 132 -10.87 15.41 16.63
C PRO A 132 -9.47 15.11 17.16
N SER A 133 -8.47 15.77 16.60
CA SER A 133 -7.08 15.54 17.00
C SER A 133 -6.46 16.76 17.68
N THR B 2 -24.32 9.89 28.67
CA THR B 2 -23.52 9.16 27.64
C THR B 2 -24.39 8.16 26.83
N GLN B 3 -24.80 8.58 25.63
CA GLN B 3 -25.73 7.81 24.80
C GLN B 3 -25.03 6.90 23.78
N LYS B 4 -24.73 5.68 24.20
CA LYS B 4 -24.13 4.67 23.32
C LYS B 4 -25.24 3.90 22.60
N ILE B 5 -25.45 4.21 21.33
CA ILE B 5 -26.55 3.65 20.54
C ILE B 5 -26.01 3.07 19.24
N ALA B 6 -26.03 1.74 19.12
CA ALA B 6 -25.58 1.07 17.90
C ALA B 6 -26.22 -0.30 17.75
N PHE B 7 -26.43 -0.73 16.51
CA PHE B 7 -27.05 -2.03 16.27
C PHE B 7 -26.55 -2.71 15.00
N SER B 8 -26.43 -4.04 15.08
CA SER B 8 -26.09 -4.89 13.95
C SER B 8 -26.98 -6.12 14.05
N ALA B 9 -27.78 -6.35 13.04
CA ALA B 9 -28.68 -7.49 13.02
C ALA B 9 -28.64 -8.14 11.65
N THR B 10 -28.61 -9.48 11.65
CA THR B 10 -28.61 -10.24 10.41
C THR B 10 -29.99 -10.85 10.15
N ARG B 11 -30.27 -11.11 8.88
CA ARG B 11 -31.50 -11.78 8.49
C ARG B 11 -31.23 -13.28 8.38
N THR B 12 -31.95 -14.08 9.15
CA THR B 12 -31.82 -15.54 9.06
C THR B 12 -33.13 -16.18 8.63
N ILE B 13 -34.24 -15.45 8.82
CA ILE B 13 -35.55 -15.83 8.31
C ILE B 13 -35.46 -16.30 6.84
N ASN B 14 -35.94 -17.52 6.58
CA ASN B 14 -35.97 -18.11 5.24
C ASN B 14 -37.35 -18.01 4.60
N VAL B 15 -37.74 -16.78 4.24
CA VAL B 15 -39.04 -16.50 3.64
C VAL B 15 -38.85 -15.37 2.63
N PRO B 16 -39.28 -15.58 1.36
CA PRO B 16 -39.09 -14.55 0.33
C PRO B 16 -39.76 -13.22 0.68
N LEU B 17 -39.30 -12.14 0.08
CA LEU B 17 -39.85 -10.82 0.36
C LEU B 17 -40.89 -10.38 -0.66
N ARG B 18 -41.93 -9.72 -0.17
CA ARG B 18 -42.96 -9.15 -1.01
C ARG B 18 -42.69 -7.65 -1.20
N ARG B 19 -43.10 -7.13 -2.34
CA ARG B 19 -43.01 -5.70 -2.64
C ARG B 19 -43.53 -4.83 -1.48
N ASP B 20 -42.72 -3.83 -1.09
CA ASP B 20 -43.08 -2.85 -0.05
C ASP B 20 -43.10 -3.39 1.37
N GLN B 21 -42.57 -4.61 1.54
CA GLN B 21 -42.47 -5.21 2.86
C GLN B 21 -41.20 -4.72 3.55
N THR B 22 -41.34 -4.41 4.83
CA THR B 22 -40.20 -4.06 5.67
C THR B 22 -39.26 -5.27 5.80
N ILE B 23 -38.01 -5.09 5.41
CA ILE B 23 -37.03 -6.18 5.52
C ILE B 23 -36.60 -6.35 6.97
N ARG B 24 -36.94 -7.51 7.54
CA ARG B 24 -36.68 -7.80 8.94
C ARG B 24 -35.32 -8.47 9.08
N PHE B 25 -34.49 -7.94 9.97
CA PHE B 25 -33.22 -8.57 10.32
C PHE B 25 -33.34 -9.10 11.73
N ASP B 26 -33.68 -10.38 11.82
CA ASP B 26 -34.22 -10.99 13.03
C ASP B 26 -33.17 -11.37 14.09
N HIS B 27 -31.92 -11.51 13.68
CA HIS B 27 -30.87 -12.00 14.56
C HIS B 27 -29.92 -10.87 14.97
N VAL B 28 -29.96 -10.50 16.25
CA VAL B 28 -29.17 -9.36 16.72
C VAL B 28 -27.77 -9.76 17.17
N ILE B 29 -26.79 -9.09 16.57
CA ILE B 29 -25.38 -9.20 16.95
C ILE B 29 -25.09 -8.15 18.03
N THR B 30 -25.57 -6.94 17.79
CA THR B 30 -25.35 -5.80 18.69
C THR B 30 -26.61 -4.94 18.70
N ASN B 31 -27.00 -4.45 19.89
CA ASN B 31 -28.20 -3.60 20.03
C ASN B 31 -28.14 -2.73 21.29
N MET B 32 -27.06 -1.97 21.43
CA MET B 32 -26.91 -1.05 22.58
C MET B 32 -28.00 0.02 22.58
N ASN B 33 -28.66 0.16 23.74
CA ASN B 33 -29.77 1.09 23.98
C ASN B 33 -31.14 0.60 23.48
N ASN B 34 -31.14 -0.58 22.84
CA ASN B 34 -32.34 -1.27 22.38
C ASN B 34 -33.26 -0.40 21.51
N ASN B 35 -32.65 0.36 20.62
CA ASN B 35 -33.39 1.26 19.71
C ASN B 35 -33.75 0.60 18.39
N TYR B 36 -33.19 -0.58 18.15
CA TYR B 36 -33.57 -1.44 17.02
C TYR B 36 -34.53 -2.53 17.47
N GLU B 37 -35.57 -2.76 16.67
CA GLU B 37 -36.51 -3.84 16.98
C GLU B 37 -36.37 -5.00 15.99
N PRO B 38 -35.82 -6.14 16.46
CA PRO B 38 -35.59 -7.34 15.65
C PRO B 38 -36.87 -7.93 15.10
N ARG B 39 -37.98 -7.71 15.80
CA ARG B 39 -39.28 -8.24 15.39
C ARG B 39 -39.88 -7.50 14.19
N SER B 40 -39.55 -6.22 14.03
CA SER B 40 -40.03 -5.42 12.91
C SER B 40 -38.96 -5.21 11.84
N GLY B 41 -37.72 -4.99 12.28
CA GLY B 41 -36.63 -4.62 11.39
C GLY B 41 -36.42 -3.12 11.33
N LYS B 42 -37.12 -2.40 12.19
CA LYS B 42 -37.05 -0.93 12.23
C LYS B 42 -36.19 -0.41 13.39
N PHE B 43 -35.43 0.63 13.12
CA PHE B 43 -34.77 1.42 14.16
C PHE B 43 -35.69 2.58 14.53
N THR B 44 -35.88 2.83 15.82
CA THR B 44 -36.68 3.97 16.23
C THR B 44 -35.89 4.91 17.11
N CYS B 45 -35.69 6.13 16.61
CA CYS B 45 -34.91 7.15 17.28
C CYS B 45 -35.51 7.60 18.62
N LYS B 46 -34.69 7.57 19.68
CA LYS B 46 -35.04 8.08 21.00
C LYS B 46 -34.25 9.35 21.23
N VAL B 47 -32.97 9.30 20.87
CA VAL B 47 -32.06 10.41 21.07
C VAL B 47 -31.81 11.06 19.71
N PRO B 48 -32.41 12.24 19.47
CA PRO B 48 -32.17 12.92 18.21
C PRO B 48 -30.70 13.18 17.93
N GLY B 49 -30.35 13.27 16.65
CA GLY B 49 -29.00 13.56 16.24
C GLY B 49 -28.59 12.87 14.97
N LEU B 50 -27.28 12.83 14.73
CA LEU B 50 -26.69 12.28 13.53
C LEU B 50 -26.35 10.80 13.64
N TYR B 51 -26.87 10.03 12.71
CA TYR B 51 -26.66 8.59 12.71
C TYR B 51 -26.09 8.14 11.38
N TYR B 52 -25.28 7.09 11.39
CA TYR B 52 -24.89 6.43 10.15
C TYR B 52 -25.57 5.06 10.04
N PHE B 53 -26.15 4.83 8.88
CA PHE B 53 -26.88 3.60 8.59
C PHE B 53 -26.26 2.90 7.40
N THR B 54 -26.15 1.58 7.50
CA THR B 54 -25.40 0.80 6.55
C THR B 54 -25.93 -0.63 6.51
N TYR B 55 -25.73 -1.31 5.40
CA TYR B 55 -26.09 -2.72 5.26
C TYR B 55 -25.24 -3.40 4.19
N HIS B 56 -25.20 -4.73 4.27
CA HIS B 56 -24.60 -5.56 3.24
C HIS B 56 -25.54 -6.72 2.96
N ALA B 57 -25.95 -6.84 1.70
CA ALA B 57 -26.92 -7.86 1.32
C ALA B 57 -26.29 -8.86 0.36
N SER B 58 -26.34 -10.13 0.76
CA SER B 58 -26.01 -11.21 -0.14
C SER B 58 -27.23 -11.52 -1.00
N SER B 59 -27.00 -11.89 -2.25
CA SER B 59 -28.06 -12.03 -3.23
C SER B 59 -27.70 -13.01 -4.35
N ARG B 60 -28.71 -13.50 -5.06
CA ARG B 60 -28.53 -14.53 -6.07
C ARG B 60 -29.06 -14.05 -7.42
N GLY B 61 -29.82 -12.95 -7.37
CA GLY B 61 -30.33 -12.28 -8.57
C GLY B 61 -30.50 -10.80 -8.29
N ASN B 62 -31.41 -10.17 -9.03
CA ASN B 62 -31.66 -8.73 -8.95
C ASN B 62 -32.21 -8.31 -7.58
N LEU B 63 -31.64 -7.23 -7.03
CA LEU B 63 -32.09 -6.70 -5.75
C LEU B 63 -32.08 -5.17 -5.73
N CYS B 64 -33.23 -4.60 -5.40
CA CYS B 64 -33.36 -3.18 -5.10
C CYS B 64 -33.97 -3.03 -3.72
N VAL B 65 -33.38 -2.16 -2.90
CA VAL B 65 -33.91 -1.85 -1.57
C VAL B 65 -34.15 -0.36 -1.45
N ASN B 66 -35.18 0.01 -0.69
CA ASN B 66 -35.43 1.39 -0.36
C ASN B 66 -35.06 1.65 1.09
N LEU B 67 -34.25 2.69 1.33
CA LEU B 67 -33.95 3.12 2.68
C LEU B 67 -35.03 4.11 3.14
N MET B 68 -35.72 3.76 4.23
CA MET B 68 -36.91 4.48 4.66
C MET B 68 -36.72 5.31 5.93
N ARG B 69 -37.43 6.43 5.99
N ARG B 69 -37.46 6.40 6.01
CA ARG B 69 -37.33 7.39 7.09
CA ARG B 69 -37.35 7.37 7.09
C ARG B 69 -38.71 7.98 7.44
C ARG B 69 -38.73 7.94 7.45
N GLY B 70 -38.94 8.30 8.71
CA GLY B 70 -40.18 8.97 9.14
C GLY B 70 -40.88 8.51 10.41
N ARG B 71 -41.62 9.44 11.02
CA ARG B 71 -42.44 9.20 12.22
C ARG B 71 -43.75 8.48 11.91
N GLU B 72 -44.66 9.20 11.24
CA GLU B 72 -46.03 8.75 10.96
C GLU B 72 -46.08 7.95 9.66
N ARG B 73 -45.41 8.53 8.67
CA ARG B 73 -45.47 8.08 7.30
C ARG B 73 -44.04 7.89 6.90
N ALA B 74 -43.68 6.66 6.52
CA ALA B 74 -42.35 6.37 6.03
C ALA B 74 -42.17 7.01 4.66
N GLN B 75 -41.03 7.69 4.48
CA GLN B 75 -40.66 8.33 3.22
C GLN B 75 -39.30 7.78 2.77
N LYS B 76 -39.18 7.41 1.50
CA LYS B 76 -37.95 6.83 0.97
C LYS B 76 -36.87 7.90 0.78
N VAL B 77 -35.68 7.63 1.31
CA VAL B 77 -34.56 8.53 1.16
C VAL B 77 -33.88 8.22 -0.17
N VAL B 78 -33.47 6.96 -0.32
CA VAL B 78 -32.82 6.48 -1.53
C VAL B 78 -33.29 5.07 -1.88
N THR B 79 -32.96 4.66 -3.10
CA THR B 79 -33.10 3.28 -3.56
C THR B 79 -31.69 2.81 -3.97
N PHE B 80 -31.32 1.61 -3.54
CA PHE B 80 -30.06 1.00 -3.95
C PHE B 80 -30.35 -0.25 -4.78
N CYS B 81 -29.88 -0.28 -6.02
CA CYS B 81 -30.07 -1.44 -6.89
C CYS B 81 -28.73 -2.03 -7.29
N ASP B 82 -28.65 -3.34 -7.23
CA ASP B 82 -27.47 -4.08 -7.67
C ASP B 82 -27.94 -5.38 -8.26
N TYR B 83 -27.73 -5.52 -9.57
CA TYR B 83 -28.24 -6.65 -10.32
C TYR B 83 -27.22 -7.79 -10.40
N ALA B 84 -27.73 -9.01 -10.47
CA ALA B 84 -26.91 -10.20 -10.70
C ALA B 84 -27.68 -11.20 -11.57
N TYR B 85 -27.02 -11.69 -12.61
CA TYR B 85 -27.65 -12.64 -13.53
C TYR B 85 -26.97 -13.99 -13.39
N ASN B 86 -27.70 -14.96 -12.82
CA ASN B 86 -27.17 -16.32 -12.65
C ASN B 86 -25.77 -16.32 -12.00
N THR B 87 -25.69 -15.71 -10.82
CA THR B 87 -24.44 -15.58 -10.07
C THR B 87 -24.77 -15.14 -8.64
N PHE B 88 -23.79 -15.18 -7.76
CA PHE B 88 -23.96 -14.72 -6.39
C PHE B 88 -23.27 -13.37 -6.16
N GLN B 89 -23.92 -12.48 -5.41
CA GLN B 89 -23.38 -11.15 -5.19
C GLN B 89 -23.49 -10.70 -3.73
N VAL B 90 -22.68 -9.70 -3.40
CA VAL B 90 -22.83 -8.94 -2.15
C VAL B 90 -22.88 -7.45 -2.47
N THR B 91 -23.94 -6.79 -2.01
CA THR B 91 -24.06 -5.36 -2.23
C THR B 91 -24.19 -4.56 -0.93
N THR B 92 -24.02 -3.25 -1.04
CA THR B 92 -24.00 -2.39 0.12
C THR B 92 -24.61 -1.03 -0.15
N GLY B 93 -25.09 -0.41 0.92
CA GLY B 93 -25.64 0.93 0.91
C GLY B 93 -25.37 1.54 2.27
N GLY B 94 -25.46 2.87 2.33
CA GLY B 94 -25.05 3.63 3.49
C GLY B 94 -25.58 5.05 3.44
N MET B 95 -25.84 5.62 4.60
CA MET B 95 -26.38 6.97 4.68
C MET B 95 -26.16 7.57 6.06
N VAL B 96 -25.69 8.81 6.07
CA VAL B 96 -25.72 9.62 7.26
C VAL B 96 -27.07 10.33 7.27
N LEU B 97 -27.80 10.18 8.37
CA LEU B 97 -29.09 10.85 8.56
C LEU B 97 -29.14 11.63 9.87
N LYS B 98 -29.68 12.85 9.80
CA LYS B 98 -30.02 13.58 11.00
C LYS B 98 -31.42 13.12 11.43
N LEU B 99 -31.54 12.64 12.66
CA LEU B 99 -32.78 12.02 13.12
C LEU B 99 -33.46 12.79 14.25
N GLU B 100 -34.79 12.89 14.17
CA GLU B 100 -35.61 13.44 15.25
C GLU B 100 -36.19 12.31 16.09
N GLN B 101 -36.53 12.61 17.35
CA GLN B 101 -37.13 11.60 18.24
C GLN B 101 -38.41 11.07 17.64
N GLY B 102 -38.59 9.75 17.68
CA GLY B 102 -39.78 9.11 17.16
C GLY B 102 -39.66 8.64 15.71
N GLU B 103 -38.64 9.12 15.00
CA GLU B 103 -38.39 8.69 13.62
C GLU B 103 -37.90 7.26 13.57
N ASN B 104 -38.41 6.49 12.62
CA ASN B 104 -37.85 5.17 12.39
C ASN B 104 -37.21 5.01 11.02
N VAL B 105 -36.16 4.19 11.01
CA VAL B 105 -35.35 3.94 9.83
C VAL B 105 -35.34 2.44 9.58
N PHE B 106 -35.63 2.05 8.34
CA PHE B 106 -35.66 0.64 7.96
C PHE B 106 -35.43 0.47 6.47
N LEU B 107 -35.14 -0.77 6.08
CA LEU B 107 -34.96 -1.15 4.69
C LEU B 107 -36.24 -1.84 4.20
N GLN B 108 -36.67 -1.45 3.00
CA GLN B 108 -37.95 -1.91 2.44
C GLN B 108 -37.75 -2.57 1.09
N ALA B 109 -38.37 -3.74 0.91
CA ALA B 109 -38.25 -4.54 -0.30
C ALA B 109 -38.96 -3.93 -1.51
N THR B 110 -38.59 -4.38 -2.70
CA THR B 110 -39.20 -3.91 -3.95
C THR B 110 -39.61 -5.11 -4.81
N ASP B 111 -39.85 -4.84 -6.09
CA ASP B 111 -39.99 -5.86 -7.14
C ASP B 111 -38.80 -6.82 -7.16
N LYS B 112 -37.60 -6.25 -7.05
CA LYS B 112 -36.35 -7.02 -7.10
C LYS B 112 -35.97 -7.40 -5.67
N ASN B 113 -36.23 -8.65 -5.30
CA ASN B 113 -36.21 -9.08 -3.91
C ASN B 113 -35.37 -10.33 -3.62
N SER B 114 -34.38 -10.59 -4.46
CA SER B 114 -33.49 -11.73 -4.24
C SER B 114 -32.49 -11.42 -3.12
N LEU B 115 -32.73 -11.99 -1.95
CA LEU B 115 -31.94 -11.70 -0.76
C LEU B 115 -31.67 -12.98 0.02
N LEU B 116 -30.40 -13.25 0.30
CA LEU B 116 -30.02 -14.44 1.06
C LEU B 116 -29.69 -14.08 2.50
N GLY B 117 -30.05 -14.98 3.42
CA GLY B 117 -29.73 -14.80 4.82
C GLY B 117 -29.44 -16.13 5.47
N MET B 118 -28.16 -16.50 5.48
CA MET B 118 -27.74 -17.80 5.97
C MET B 118 -26.27 -17.84 6.37
N GLU B 119 -25.93 -18.84 7.18
CA GLU B 119 -24.56 -19.18 7.49
C GLU B 119 -23.78 -19.32 6.17
N GLY B 120 -22.77 -18.48 5.98
CA GLY B 120 -21.96 -18.49 4.74
C GLY B 120 -22.36 -17.49 3.66
N ALA B 121 -23.50 -16.82 3.85
CA ALA B 121 -23.95 -15.76 2.95
C ALA B 121 -24.91 -14.87 3.71
N ASN B 122 -24.35 -13.98 4.51
CA ASN B 122 -25.12 -13.16 5.44
C ASN B 122 -25.63 -11.89 4.80
N SER B 123 -26.74 -11.42 5.34
CA SER B 123 -27.25 -10.08 5.08
C SER B 123 -27.40 -9.37 6.44
N ILE B 124 -26.68 -8.26 6.58
CA ILE B 124 -26.64 -7.50 7.83
C ILE B 124 -27.17 -6.07 7.66
N PHE B 125 -27.75 -5.52 8.71
CA PHE B 125 -28.21 -4.13 8.80
C PHE B 125 -27.64 -3.57 10.08
N SER B 126 -26.90 -2.47 9.98
CA SER B 126 -26.26 -1.84 11.12
C SER B 126 -26.54 -0.34 11.13
N GLY B 127 -26.45 0.28 12.31
CA GLY B 127 -26.61 1.71 12.44
C GLY B 127 -26.02 2.17 13.76
N PHE B 128 -25.50 3.39 13.79
CA PHE B 128 -24.93 3.94 15.02
C PHE B 128 -25.00 5.47 15.12
N LEU B 129 -25.05 5.95 16.36
CA LEU B 129 -25.03 7.38 16.65
C LEU B 129 -23.64 7.97 16.45
N LEU B 130 -23.59 9.04 15.67
CA LEU B 130 -22.37 9.81 15.46
C LEU B 130 -22.29 10.93 16.49
N PHE B 131 -23.31 11.79 16.52
CA PHE B 131 -23.43 12.89 17.46
C PHE B 131 -24.90 13.12 17.80
N PRO B 132 -25.21 13.24 19.12
CA PRO B 132 -26.56 13.65 19.56
C PRO B 132 -26.80 15.17 19.39
N ASP B 133 -28.07 15.57 19.34
CA ASP B 133 -28.45 16.98 19.25
C ASP B 133 -28.46 17.64 20.63
N MET B 134 -29.20 18.58 20.89
N LYS C 3 -3.06 6.46 23.12
CA LYS C 3 -4.34 7.20 22.93
C LYS C 3 -5.52 6.51 23.63
N PHE C 4 -6.59 7.26 23.85
CA PHE C 4 -7.85 6.73 24.37
C PHE C 4 -8.86 6.51 23.23
N GLN C 5 -8.33 6.48 22.01
CA GLN C 5 -9.10 6.23 20.79
C GLN C 5 -8.57 4.98 20.11
N SER C 6 -9.27 4.54 19.07
CA SER C 6 -8.80 3.44 18.24
C SER C 6 -9.26 3.60 16.80
N VAL C 7 -8.32 3.61 15.89
CA VAL C 7 -8.62 3.72 14.47
C VAL C 7 -7.54 3.07 13.61
N PHE C 8 -7.97 2.46 12.51
CA PHE C 8 -7.05 1.97 11.48
C PHE C 8 -7.74 1.85 10.13
N THR C 9 -6.95 2.07 9.09
CA THR C 9 -7.25 1.65 7.72
C THR C 9 -5.97 1.02 7.18
N VAL C 10 -6.05 -0.27 6.91
CA VAL C 10 -4.91 -1.00 6.39
C VAL C 10 -5.26 -1.55 5.01
N THR C 11 -4.23 -1.78 4.20
CA THR C 11 -4.45 -2.18 2.84
C THR C 11 -3.60 -3.39 2.52
N ARG C 12 -3.98 -4.07 1.44
CA ARG C 12 -3.27 -5.25 1.01
C ARG C 12 -2.51 -4.95 -0.26
N GLN C 13 -1.22 -4.64 -0.12
CA GLN C 13 -0.40 -4.32 -1.28
C GLN C 13 0.47 -5.50 -1.70
N THR C 14 -0.14 -6.37 -2.49
CA THR C 14 0.51 -7.50 -3.14
C THR C 14 -0.42 -7.95 -4.26
N HIS C 15 0.17 -8.55 -5.30
CA HIS C 15 -0.55 -9.02 -6.46
C HIS C 15 -0.90 -10.51 -6.30
N GLN C 16 -0.24 -11.20 -5.38
CA GLN C 16 -0.58 -12.59 -5.05
C GLN C 16 -1.72 -12.64 -4.03
N PRO C 17 -2.80 -13.39 -4.33
CA PRO C 17 -3.96 -13.46 -3.43
C PRO C 17 -3.67 -14.31 -2.20
N PRO C 18 -4.53 -14.22 -1.17
CA PRO C 18 -4.34 -15.06 0.03
C PRO C 18 -4.39 -16.55 -0.30
N ALA C 19 -3.71 -17.34 0.51
CA ALA C 19 -3.84 -18.80 0.49
C ALA C 19 -5.30 -19.18 0.80
N PRO C 20 -5.78 -20.31 0.22
CA PRO C 20 -7.14 -20.74 0.55
C PRO C 20 -7.25 -21.03 2.04
N ASN C 21 -8.42 -20.77 2.61
CA ASN C 21 -8.73 -21.09 4.00
C ASN C 21 -7.69 -20.57 5.00
N SER C 22 -7.37 -19.30 4.89
CA SER C 22 -6.38 -18.69 5.77
C SER C 22 -6.74 -17.25 6.12
N LEU C 23 -6.07 -16.72 7.14
CA LEU C 23 -6.17 -15.34 7.57
C LEU C 23 -5.64 -14.42 6.47
N ILE C 24 -6.32 -13.30 6.24
CA ILE C 24 -5.90 -12.32 5.24
C ILE C 24 -5.01 -11.27 5.89
N ARG C 25 -3.77 -11.18 5.43
N ARG C 25 -3.78 -11.14 5.41
CA ARG C 25 -2.87 -10.15 5.90
CA ARG C 25 -2.84 -10.18 5.95
C ARG C 25 -3.01 -8.89 5.07
C ARG C 25 -2.81 -8.89 5.13
N PHE C 26 -3.18 -7.77 5.76
CA PHE C 26 -3.09 -6.46 5.15
C PHE C 26 -1.73 -5.91 5.59
N ASN C 27 -0.80 -5.81 4.64
CA ASN C 27 0.60 -5.53 4.96
C ASN C 27 0.99 -4.04 5.01
N ALA C 28 0.12 -3.20 4.47
CA ALA C 28 0.41 -1.78 4.34
C ALA C 28 -0.61 -0.88 5.03
N VAL C 29 -0.12 0.16 5.69
CA VAL C 29 -0.90 1.01 6.57
C VAL C 29 -1.21 2.38 5.94
N LEU C 30 -2.50 2.74 5.93
CA LEU C 30 -2.91 4.10 5.56
C LEU C 30 -2.94 5.01 6.80
N THR C 31 -3.53 4.49 7.87
CA THR C 31 -3.46 5.10 9.21
C THR C 31 -3.66 3.98 10.23
N ASN C 32 -2.94 4.07 11.35
CA ASN C 32 -2.95 3.05 12.41
C ASN C 32 -2.14 3.58 13.61
N PRO C 33 -2.59 4.73 14.18
CA PRO C 33 -1.80 5.47 15.16
C PRO C 33 -1.60 4.79 16.52
N GLN C 34 -2.51 3.89 16.89
CA GLN C 34 -2.42 3.20 18.17
C GLN C 34 -1.69 1.86 18.00
N GLY C 35 -1.50 1.47 16.73
CA GLY C 35 -0.86 0.20 16.39
C GLY C 35 -1.74 -0.99 16.72
N ASP C 36 -3.06 -0.79 16.72
CA ASP C 36 -4.03 -1.81 17.14
C ASP C 36 -4.18 -2.95 16.13
N TYR C 37 -4.11 -2.61 14.84
CA TYR C 37 -3.92 -3.62 13.80
C TYR C 37 -2.45 -3.92 13.66
N ASP C 38 -2.09 -5.21 13.73
CA ASP C 38 -0.70 -5.64 13.58
C ASP C 38 -0.46 -6.24 12.20
N THR C 39 0.36 -5.56 11.40
CA THR C 39 0.63 -5.99 10.01
C THR C 39 1.46 -7.27 9.91
N SER C 40 2.19 -7.61 10.97
CA SER C 40 3.00 -8.82 10.95
C SER C 40 2.18 -10.10 11.28
N THR C 41 1.07 -9.93 12.01
CA THR C 41 0.17 -11.05 12.36
C THR C 41 -1.13 -11.04 11.57
N GLY C 42 -1.54 -9.85 11.12
CA GLY C 42 -2.76 -9.69 10.35
C GLY C 42 -3.97 -9.50 11.24
N LYS C 43 -3.72 -9.29 12.52
CA LYS C 43 -4.79 -9.24 13.50
C LYS C 43 -4.96 -7.86 14.12
N PHE C 44 -6.20 -7.47 14.35
CA PHE C 44 -6.50 -6.37 15.25
C PHE C 44 -6.56 -6.95 16.66
N THR C 45 -5.96 -6.26 17.63
CA THR C 45 -6.16 -6.59 19.05
C THR C 45 -6.62 -5.38 19.87
N CYS C 46 -7.78 -5.51 20.52
CA CYS C 46 -8.36 -4.45 21.35
C CYS C 46 -7.51 -4.05 22.58
N LYS C 47 -7.11 -2.77 22.62
CA LYS C 47 -6.47 -2.15 23.79
C LYS C 47 -7.49 -1.40 24.63
N VAL C 48 -8.38 -0.69 23.94
CA VAL C 48 -9.40 0.15 24.53
C VAL C 48 -10.77 -0.51 24.32
N PRO C 49 -11.39 -1.01 25.41
CA PRO C 49 -12.67 -1.72 25.32
C PRO C 49 -13.81 -0.81 24.86
N GLY C 50 -14.83 -1.40 24.24
CA GLY C 50 -16.02 -0.66 23.82
C GLY C 50 -16.56 -1.04 22.45
N LEU C 51 -17.41 -0.18 21.90
CA LEU C 51 -18.08 -0.47 20.63
C LEU C 51 -17.28 -0.03 19.39
N TYR C 52 -17.01 -1.01 18.54
CA TYR C 52 -16.20 -0.82 17.35
C TYR C 52 -17.03 -1.04 16.10
N TYR C 53 -16.72 -0.27 15.07
CA TYR C 53 -17.21 -0.53 13.75
C TYR C 53 -16.08 -1.10 12.91
N PHE C 54 -16.39 -2.20 12.23
CA PHE C 54 -15.47 -2.85 11.31
C PHE C 54 -16.08 -2.92 9.93
N VAL C 55 -15.28 -2.59 8.92
CA VAL C 55 -15.70 -2.56 7.53
C VAL C 55 -14.50 -2.84 6.59
N TYR C 56 -14.76 -3.56 5.51
CA TYR C 56 -13.75 -3.85 4.51
C TYR C 56 -14.35 -3.69 3.10
N HIS C 57 -13.49 -3.40 2.13
CA HIS C 57 -13.83 -3.42 0.71
C HIS C 57 -12.72 -4.16 -0.02
N ALA C 58 -13.05 -5.32 -0.57
CA ALA C 58 -12.05 -6.19 -1.18
C ALA C 58 -12.31 -6.43 -2.68
N SER C 59 -11.31 -6.10 -3.52
CA SER C 59 -11.41 -6.26 -4.98
C SER C 59 -11.00 -7.67 -5.43
N HIS C 60 -11.77 -8.23 -6.35
CA HIS C 60 -11.49 -9.59 -6.82
C HIS C 60 -11.91 -9.79 -8.27
N THR C 61 -11.15 -10.65 -8.96
CA THR C 61 -11.43 -11.03 -10.34
C THR C 61 -11.80 -12.52 -10.47
N ALA C 62 -11.93 -13.21 -9.33
CA ALA C 62 -12.59 -14.54 -9.27
C ALA C 62 -13.37 -14.62 -7.97
N ASN C 63 -14.01 -15.75 -7.69
CA ASN C 63 -14.84 -15.89 -6.49
C ASN C 63 -14.15 -15.50 -5.17
N LEU C 64 -14.87 -14.77 -4.32
CA LEU C 64 -14.34 -14.35 -3.02
C LEU C 64 -15.35 -14.31 -1.87
N CYS C 65 -15.08 -15.08 -0.83
CA CYS C 65 -15.79 -15.01 0.45
C CYS C 65 -14.85 -14.45 1.50
N VAL C 66 -15.30 -13.41 2.18
CA VAL C 66 -14.57 -12.86 3.30
C VAL C 66 -15.37 -13.10 4.55
N LEU C 67 -14.66 -13.61 5.55
CA LEU C 67 -15.21 -13.99 6.81
C LEU C 67 -14.56 -13.09 7.85
N LEU C 68 -15.37 -12.54 8.75
CA LEU C 68 -14.85 -11.73 9.84
C LEU C 68 -14.85 -12.59 11.10
N TYR C 69 -13.70 -12.65 11.76
CA TYR C 69 -13.57 -13.43 13.00
C TYR C 69 -13.39 -12.53 14.21
N ARG C 70 -14.11 -12.86 15.27
CA ARG C 70 -13.86 -12.22 16.56
C ARG C 70 -13.54 -13.29 17.58
N SER C 71 -12.32 -13.24 18.13
CA SER C 71 -11.88 -14.16 19.18
C SER C 71 -12.10 -15.64 18.83
N GLY C 72 -11.78 -16.02 17.60
CA GLY C 72 -11.84 -17.43 17.19
C GLY C 72 -13.18 -17.81 16.58
N VAL C 73 -14.11 -16.88 16.65
CA VAL C 73 -15.47 -17.10 16.20
C VAL C 73 -15.83 -16.32 14.94
N LYS C 74 -16.29 -17.04 13.92
CA LYS C 74 -16.85 -16.45 12.71
C LYS C 74 -18.12 -15.66 13.02
N VAL C 75 -18.09 -14.37 12.71
CA VAL C 75 -19.22 -13.49 12.95
C VAL C 75 -20.11 -13.38 11.72
N VAL C 76 -19.48 -13.13 10.55
CA VAL C 76 -20.20 -12.86 9.30
C VAL C 76 -19.38 -13.29 8.09
N THR C 77 -20.08 -13.75 7.05
CA THR C 77 -19.46 -14.12 5.78
C THR C 77 -20.21 -13.42 4.65
N PHE C 78 -19.44 -12.89 3.71
CA PHE C 78 -19.97 -12.26 2.50
C PHE C 78 -19.18 -12.76 1.29
N CYS C 79 -19.89 -13.26 0.29
CA CYS C 79 -19.27 -13.84 -0.90
C CYS C 79 -19.68 -13.12 -2.15
N GLY C 80 -18.72 -12.88 -3.04
CA GLY C 80 -19.02 -12.29 -4.36
C GLY C 80 -18.45 -13.22 -5.42
N HIS C 81 -19.25 -13.52 -6.44
CA HIS C 81 -18.79 -14.35 -7.56
C HIS C 81 -18.59 -13.54 -8.83
N THR C 82 -17.41 -13.71 -9.44
CA THR C 82 -17.09 -13.02 -10.68
C THR C 82 -16.24 -13.90 -11.58
N SER C 83 -16.26 -13.62 -12.88
CA SER C 83 -15.42 -14.31 -13.85
C SER C 83 -14.66 -13.32 -14.69
N LYS C 84 -13.34 -13.30 -14.47
CA LYS C 84 -12.38 -12.45 -15.18
C LYS C 84 -12.44 -10.98 -14.78
N THR C 85 -13.65 -10.40 -14.81
CA THR C 85 -13.86 -8.97 -14.56
C THR C 85 -13.79 -8.65 -13.06
N ASN C 86 -13.61 -7.37 -12.74
CA ASN C 86 -13.35 -6.95 -11.36
C ASN C 86 -14.62 -6.48 -10.69
N GLN C 87 -14.79 -6.89 -9.43
CA GLN C 87 -15.82 -6.31 -8.56
C GLN C 87 -15.30 -6.10 -7.14
N VAL C 88 -16.13 -5.53 -6.28
CA VAL C 88 -15.75 -5.26 -4.88
C VAL C 88 -16.67 -6.00 -3.93
N ASN C 89 -16.05 -6.82 -3.08
CA ASN C 89 -16.73 -7.53 -2.02
C ASN C 89 -16.64 -6.66 -0.76
N SER C 90 -17.78 -6.44 -0.12
CA SER C 90 -17.89 -5.54 1.03
C SER C 90 -18.59 -6.24 2.18
N GLY C 91 -18.19 -5.91 3.40
CA GLY C 91 -18.83 -6.45 4.59
C GLY C 91 -18.51 -5.56 5.77
N GLY C 92 -19.22 -5.75 6.86
CA GLY C 92 -19.06 -4.90 8.03
C GLY C 92 -19.99 -5.27 9.18
N VAL C 93 -19.64 -4.79 10.38
CA VAL C 93 -20.33 -5.19 11.60
C VAL C 93 -19.91 -4.28 12.75
N LEU C 94 -20.83 -4.09 13.70
CA LEU C 94 -20.57 -3.39 14.95
C LEU C 94 -20.36 -4.41 16.06
N LEU C 95 -19.27 -4.28 16.81
CA LEU C 95 -18.97 -5.24 17.88
C LEU C 95 -18.51 -4.56 19.15
N ARG C 96 -19.04 -5.00 20.28
CA ARG C 96 -18.60 -4.50 21.60
C ARG C 96 -17.51 -5.39 22.15
N LEU C 97 -16.29 -4.88 22.18
CA LEU C 97 -15.11 -5.70 22.48
C LEU C 97 -14.52 -5.43 23.88
N GLN C 98 -14.00 -6.49 24.50
CA GLN C 98 -13.24 -6.42 25.76
C GLN C 98 -11.73 -6.38 25.45
N VAL C 99 -10.93 -5.90 26.41
CA VAL C 99 -9.48 -5.74 26.26
C VAL C 99 -8.79 -7.05 25.88
N GLY C 100 -7.99 -7.02 24.82
CA GLY C 100 -7.24 -8.20 24.40
C GLY C 100 -7.92 -9.05 23.34
N GLU C 101 -9.18 -8.75 23.03
CA GLU C 101 -9.93 -9.48 21.99
C GLU C 101 -9.37 -9.25 20.60
N GLU C 102 -9.18 -10.35 19.86
CA GLU C 102 -8.66 -10.32 18.49
C GLU C 102 -9.78 -10.29 17.45
N VAL C 103 -9.60 -9.45 16.44
CA VAL C 103 -10.51 -9.42 15.28
C VAL C 103 -9.68 -9.51 14.01
N TRP C 104 -10.07 -10.39 13.08
CA TRP C 104 -9.38 -10.48 11.78
C TRP C 104 -10.36 -10.90 10.69
N LEU C 105 -9.93 -10.71 9.45
CA LEU C 105 -10.61 -11.21 8.25
C LEU C 105 -9.94 -12.49 7.71
N ALA C 106 -10.74 -13.40 7.16
CA ALA C 106 -10.20 -14.60 6.52
C ALA C 106 -10.91 -14.94 5.20
N VAL C 107 -10.32 -15.84 4.42
CA VAL C 107 -11.00 -16.39 3.22
C VAL C 107 -11.31 -17.88 3.42
N ASN C 108 -12.19 -18.43 2.59
CA ASN C 108 -12.41 -19.86 2.59
C ASN C 108 -11.80 -20.53 1.33
N ASP C 109 -12.56 -21.39 0.65
CA ASP C 109 -12.11 -21.98 -0.61
C ASP C 109 -12.18 -20.93 -1.71
N TYR C 110 -13.06 -19.95 -1.54
CA TYR C 110 -13.09 -18.80 -2.44
C TYR C 110 -12.21 -17.68 -1.87
N TYR C 111 -11.05 -17.50 -2.49
CA TYR C 111 -9.94 -16.77 -1.87
C TYR C 111 -9.35 -15.62 -2.69
N ASP C 112 -9.88 -15.37 -3.88
CA ASP C 112 -9.28 -14.41 -4.80
C ASP C 112 -9.36 -12.96 -4.31
N MET C 113 -8.23 -12.27 -4.33
CA MET C 113 -8.16 -10.84 -4.03
C MET C 113 -7.29 -10.14 -5.04
N VAL C 114 -7.27 -10.64 -6.27
CA VAL C 114 -6.49 -9.98 -7.31
C VAL C 114 -7.39 -8.98 -8.01
N GLY C 115 -7.33 -7.74 -7.56
CA GLY C 115 -8.02 -6.66 -8.25
C GLY C 115 -7.26 -6.25 -9.49
N ILE C 116 -7.96 -5.73 -10.49
CA ILE C 116 -7.31 -5.16 -11.66
C ILE C 116 -6.49 -3.94 -11.24
N GLN C 117 -5.61 -3.47 -12.13
CA GLN C 117 -4.90 -2.23 -11.92
C GLN C 117 -5.89 -1.11 -11.56
N GLY C 118 -5.74 -0.56 -10.35
CA GLY C 118 -6.60 0.53 -9.88
C GLY C 118 -7.71 0.12 -8.94
N SER C 119 -7.82 -1.17 -8.67
CA SER C 119 -8.82 -1.66 -7.74
C SER C 119 -8.11 -2.36 -6.60
N ASP C 120 -8.33 -1.86 -5.37
CA ASP C 120 -7.58 -2.24 -4.18
C ASP C 120 -8.46 -2.89 -3.11
N SER C 121 -7.81 -3.38 -2.06
CA SER C 121 -8.47 -3.99 -0.92
C SER C 121 -8.09 -3.26 0.39
N VAL C 122 -9.11 -2.96 1.18
CA VAL C 122 -9.00 -2.16 2.39
C VAL C 122 -9.73 -2.83 3.54
N PHE C 123 -9.16 -2.74 4.74
CA PHE C 123 -9.82 -3.12 6.01
C PHE C 123 -9.72 -1.95 6.99
N SER C 124 -10.87 -1.56 7.55
CA SER C 124 -10.97 -0.43 8.46
C SER C 124 -11.73 -0.76 9.76
N GLY C 125 -11.32 -0.14 10.84
CA GLY C 125 -12.03 -0.27 12.11
C GLY C 125 -11.81 0.93 13.01
N PHE C 126 -12.84 1.35 13.73
CA PHE C 126 -12.71 2.44 14.70
C PHE C 126 -13.59 2.31 15.95
N LEU C 127 -13.01 2.69 17.08
CA LEU C 127 -13.76 2.80 18.33
C LEU C 127 -14.78 3.95 18.26
N LEU C 128 -16.02 3.64 18.62
CA LEU C 128 -17.10 4.62 18.65
C LEU C 128 -17.47 5.02 20.08
N PHE C 129 -17.75 4.03 20.93
CA PHE C 129 -18.15 4.26 22.32
C PHE C 129 -17.26 3.49 23.29
N PRO C 130 -16.35 4.22 23.99
CA PRO C 130 -15.47 3.61 24.98
C PRO C 130 -16.24 3.20 26.23
N ASP C 131 -15.87 2.04 26.80
CA ASP C 131 -16.33 1.63 28.13
C ASP C 131 -15.32 0.72 28.81
N GLN D 1 28.28 -10.15 19.86
CA GLN D 1 27.42 -9.11 19.22
C GLN D 1 26.92 -9.54 17.84
N PRO D 2 25.59 -9.47 17.60
CA PRO D 2 24.97 -9.87 16.33
C PRO D 2 25.47 -9.08 15.11
N ARG D 3 25.85 -9.81 14.07
CA ARG D 3 26.33 -9.19 12.84
C ARG D 3 25.72 -9.88 11.60
N PRO D 4 24.39 -10.13 11.59
CA PRO D 4 23.83 -10.91 10.47
C PRO D 4 23.78 -10.10 9.18
N ALA D 5 24.44 -10.61 8.15
CA ALA D 5 24.52 -9.94 6.84
C ALA D 5 24.95 -10.94 5.77
N PHE D 6 24.29 -10.87 4.61
CA PHE D 6 24.56 -11.82 3.55
C PHE D 6 24.50 -11.22 2.14
N SER D 7 25.19 -11.88 1.21
CA SER D 7 25.02 -11.63 -0.21
C SER D 7 25.21 -12.95 -0.93
N ALA D 8 24.28 -13.27 -1.82
CA ALA D 8 24.37 -14.49 -2.59
C ALA D 8 24.00 -14.24 -4.04
N ILE D 9 24.71 -14.93 -4.93
CA ILE D 9 24.52 -14.77 -6.36
C ILE D 9 24.07 -16.08 -7.04
N ARG D 10 23.63 -15.96 -8.29
CA ARG D 10 23.19 -17.10 -9.09
C ARG D 10 24.30 -17.60 -9.99
N ARG D 11 24.57 -18.91 -9.96
CA ARG D 11 25.53 -19.52 -10.88
C ARG D 11 25.10 -20.90 -11.36
N ASN D 12 24.99 -21.83 -10.42
CA ASN D 12 24.39 -23.13 -10.70
C ASN D 12 23.17 -23.35 -9.81
N PRO D 13 22.06 -22.63 -10.10
CA PRO D 13 20.91 -22.71 -9.20
C PRO D 13 20.06 -23.94 -9.45
N PRO D 14 19.65 -24.64 -8.36
CA PRO D 14 18.64 -25.69 -8.48
C PRO D 14 17.28 -25.10 -8.90
N MET D 15 16.83 -25.51 -10.08
CA MET D 15 15.64 -24.93 -10.69
C MET D 15 14.38 -25.69 -10.30
N GLY D 16 13.25 -25.00 -10.39
CA GLY D 16 11.98 -25.56 -9.97
C GLY D 16 11.39 -24.81 -8.80
N GLY D 17 10.09 -24.56 -8.89
CA GLY D 17 9.40 -23.76 -7.90
C GLY D 17 9.53 -22.28 -8.20
N ASN D 18 8.77 -21.50 -7.46
CA ASN D 18 8.73 -20.08 -7.70
C ASN D 18 9.73 -19.30 -6.86
N VAL D 19 10.31 -19.96 -5.86
CA VAL D 19 11.38 -19.39 -5.03
C VAL D 19 12.64 -19.22 -5.89
N VAL D 20 13.22 -18.03 -5.87
CA VAL D 20 14.52 -17.78 -6.55
C VAL D 20 15.68 -18.16 -5.61
N ILE D 21 16.41 -19.19 -5.99
CA ILE D 21 17.55 -19.66 -5.20
C ILE D 21 18.84 -19.05 -5.71
N PHE D 22 19.51 -18.29 -4.84
CA PHE D 22 20.82 -17.76 -5.10
C PHE D 22 21.86 -18.70 -4.48
N ASP D 23 22.35 -19.62 -5.30
CA ASP D 23 23.15 -20.77 -4.87
C ASP D 23 24.56 -20.46 -4.37
N THR D 24 25.15 -19.39 -4.88
CA THR D 24 26.55 -19.09 -4.62
C THR D 24 26.67 -17.97 -3.59
N VAL D 25 27.11 -18.31 -2.40
CA VAL D 25 27.27 -17.35 -1.32
C VAL D 25 28.55 -16.52 -1.50
N ILE D 26 28.41 -15.20 -1.34
CA ILE D 26 29.56 -14.30 -1.33
C ILE D 26 29.87 -13.91 0.13
N THR D 27 28.81 -13.68 0.91
CA THR D 27 28.91 -13.34 2.33
C THR D 27 27.68 -13.92 3.04
N ASN D 28 27.89 -14.43 4.25
CA ASN D 28 26.85 -15.06 5.06
C ASN D 28 27.26 -15.03 6.53
N GLN D 29 27.46 -13.82 7.06
CA GLN D 29 27.88 -13.67 8.44
C GLN D 29 26.80 -14.16 9.37
N GLU D 30 27.17 -15.14 10.20
CA GLU D 30 26.27 -15.85 11.11
C GLU D 30 25.33 -16.81 10.39
N GLU D 31 25.66 -17.07 9.13
CA GLU D 31 24.98 -18.06 8.27
C GLU D 31 23.45 -18.02 8.27
N PRO D 32 22.83 -16.80 8.23
CA PRO D 32 21.36 -16.76 8.19
C PRO D 32 20.74 -17.21 6.86
N TYR D 33 21.52 -17.22 5.79
CA TYR D 33 20.99 -17.53 4.46
C TYR D 33 21.30 -18.97 4.04
N GLN D 34 20.26 -19.67 3.57
CA GLN D 34 20.37 -21.05 3.12
C GLN D 34 20.50 -21.10 1.60
N ASN D 35 21.70 -21.41 1.11
CA ASN D 35 21.96 -21.39 -0.32
C ASN D 35 21.30 -22.51 -1.13
N HIS D 36 20.86 -23.57 -0.44
CA HIS D 36 20.14 -24.68 -1.05
C HIS D 36 18.65 -24.39 -1.29
N SER D 37 18.06 -23.57 -0.41
CA SER D 37 16.63 -23.25 -0.45
C SER D 37 16.32 -21.82 -0.88
N GLY D 38 17.33 -20.95 -0.82
CA GLY D 38 17.18 -19.53 -1.16
C GLY D 38 16.50 -18.69 -0.08
N ARG D 39 16.47 -19.23 1.14
CA ARG D 39 15.77 -18.61 2.24
C ARG D 39 16.71 -18.00 3.27
N PHE D 40 16.37 -16.80 3.71
CA PHE D 40 17.02 -16.18 4.85
C PHE D 40 16.21 -16.55 6.07
N VAL D 41 16.90 -16.90 7.16
CA VAL D 41 16.26 -17.21 8.43
C VAL D 41 16.68 -16.19 9.48
N CYS D 42 15.70 -15.51 10.05
CA CYS D 42 15.94 -14.59 11.16
C CYS D 42 16.20 -15.33 12.47
N THR D 43 17.39 -15.09 13.03
CA THR D 43 17.74 -15.54 14.37
C THR D 43 17.54 -14.39 15.35
N VAL D 44 18.11 -13.24 15.03
CA VAL D 44 18.02 -12.04 15.87
C VAL D 44 16.83 -11.17 15.45
N PRO D 45 15.84 -11.01 16.34
CA PRO D 45 14.71 -10.13 16.05
C PRO D 45 15.16 -8.68 15.84
N GLY D 46 14.59 -8.02 14.85
CA GLY D 46 14.87 -6.61 14.62
C GLY D 46 14.46 -6.13 13.26
N TYR D 47 14.97 -4.97 12.89
CA TYR D 47 14.70 -4.39 11.59
C TYR D 47 15.84 -4.68 10.63
N TYR D 48 15.49 -5.23 9.46
CA TYR D 48 16.46 -5.69 8.49
C TYR D 48 16.24 -4.97 7.16
N TYR D 49 17.30 -4.74 6.41
CA TYR D 49 17.13 -4.32 5.03
C TYR D 49 17.33 -5.50 4.06
N PHE D 50 16.43 -5.62 3.09
CA PHE D 50 16.54 -6.68 2.10
C PHE D 50 16.47 -6.07 0.71
N THR D 51 17.36 -6.51 -0.18
CA THR D 51 17.37 -5.97 -1.54
C THR D 51 17.87 -6.95 -2.61
N PHE D 52 17.36 -6.80 -3.83
CA PHE D 52 17.81 -7.64 -4.96
C PHE D 52 18.09 -6.85 -6.23
N GLN D 53 19.01 -7.37 -7.02
CA GLN D 53 19.30 -6.85 -8.34
C GLN D 53 19.40 -8.08 -9.22
N VAL D 54 18.36 -8.33 -10.01
CA VAL D 54 18.26 -9.57 -10.76
C VAL D 54 18.21 -9.33 -12.26
N LEU D 55 19.02 -10.10 -12.98
CA LEU D 55 19.18 -9.99 -14.41
C LEU D 55 18.19 -10.83 -15.21
N SER D 56 17.50 -10.17 -16.14
CA SER D 56 16.57 -10.81 -17.06
C SER D 56 16.81 -10.33 -18.48
N GLN D 57 16.27 -11.08 -19.44
CA GLN D 57 16.36 -10.68 -20.85
C GLN D 57 14.97 -10.59 -21.48
N TRP D 58 13.97 -11.08 -20.76
CA TRP D 58 12.60 -11.12 -21.28
C TRP D 58 11.57 -10.44 -20.37
N GLU D 59 10.81 -11.21 -19.60
CA GLU D 59 9.91 -10.62 -18.62
C GLU D 59 10.18 -11.20 -17.26
N ILE D 60 10.22 -10.32 -16.26
CA ILE D 60 10.44 -10.74 -14.88
C ILE D 60 9.65 -9.87 -13.89
N CYS D 61 8.84 -10.54 -13.08
CA CYS D 61 8.27 -9.93 -11.90
C CYS D 61 8.80 -10.64 -10.64
N LEU D 62 9.28 -9.86 -9.68
CA LEU D 62 9.86 -10.43 -8.45
C LEU D 62 9.29 -9.82 -7.19
N SER D 63 9.18 -10.64 -6.14
CA SER D 63 8.66 -10.19 -4.87
C SER D 63 9.51 -10.67 -3.69
N ILE D 64 9.78 -9.78 -2.73
CA ILE D 64 10.37 -10.21 -1.47
C ILE D 64 9.22 -10.65 -0.58
N VAL D 65 9.23 -11.93 -0.26
CA VAL D 65 8.20 -12.60 0.53
C VAL D 65 8.84 -12.97 1.88
N SER D 66 8.02 -13.09 2.93
CA SER D 66 8.48 -13.62 4.20
C SER D 66 7.46 -14.61 4.80
N SER D 67 7.85 -15.30 5.86
CA SER D 67 6.90 -16.06 6.65
C SER D 67 7.07 -15.87 8.17
N SER D 68 5.98 -16.03 8.90
CA SER D 68 6.01 -16.12 10.36
C SER D 68 5.10 -17.25 10.81
N ARG D 69 5.64 -18.14 11.64
CA ARG D 69 4.97 -19.38 12.05
C ARG D 69 4.52 -20.23 10.85
N GLY D 70 5.33 -20.23 9.79
CA GLY D 70 5.01 -20.95 8.55
C GLY D 70 4.00 -20.32 7.61
N GLN D 71 3.35 -19.23 8.04
CA GLN D 71 2.37 -18.52 7.20
C GLN D 71 3.04 -17.55 6.27
N VAL D 72 2.80 -17.75 4.98
CA VAL D 72 3.41 -16.92 3.95
C VAL D 72 2.80 -15.52 3.96
N ARG D 73 3.68 -14.52 3.92
CA ARG D 73 3.29 -13.11 3.93
C ARG D 73 3.79 -12.44 2.65
N ARG D 74 2.89 -12.38 1.66
CA ARG D 74 3.16 -11.76 0.36
C ARG D 74 3.36 -10.25 0.46
N SER D 75 4.18 -9.69 -0.42
CA SER D 75 4.50 -8.27 -0.37
C SER D 75 4.55 -7.62 -1.76
N LEU D 76 5.21 -6.47 -1.80
CA LEU D 76 5.42 -5.65 -2.98
C LEU D 76 6.09 -6.44 -4.10
N GLY D 77 5.81 -6.04 -5.33
CA GLY D 77 6.44 -6.63 -6.50
C GLY D 77 7.25 -5.61 -7.28
N PHE D 78 8.18 -6.11 -8.09
CA PHE D 78 9.00 -5.27 -8.96
C PHE D 78 9.24 -6.01 -10.26
N CYS D 79 8.96 -5.33 -11.38
CA CYS D 79 8.99 -5.96 -12.71
C CYS D 79 9.82 -5.23 -13.73
N ASP D 80 10.42 -6.00 -14.64
CA ASP D 80 10.90 -5.48 -15.92
C ASP D 80 10.28 -6.31 -17.05
N THR D 81 9.52 -5.62 -17.91
CA THR D 81 8.81 -6.27 -19.00
C THR D 81 9.22 -5.71 -20.37
N THR D 82 10.43 -5.13 -20.44
CA THR D 82 11.00 -4.67 -21.71
C THR D 82 10.84 -5.74 -22.79
N ASN D 83 11.31 -6.97 -22.51
CA ASN D 83 10.97 -8.13 -23.31
C ASN D 83 11.56 -8.06 -24.74
N LYS D 84 12.82 -7.62 -24.81
CA LYS D 84 13.54 -7.42 -26.08
C LYS D 84 14.74 -8.35 -26.22
N GLY D 85 15.00 -9.17 -25.20
CA GLY D 85 16.10 -10.12 -25.25
C GLY D 85 17.43 -9.54 -24.84
N LEU D 86 17.43 -8.31 -24.33
CA LEU D 86 18.66 -7.67 -23.86
C LEU D 86 18.66 -7.51 -22.33
N PHE D 87 19.86 -7.54 -21.74
CA PHE D 87 20.01 -7.39 -20.28
C PHE D 87 19.21 -6.24 -19.69
N GLN D 88 18.40 -6.57 -18.69
CA GLN D 88 17.78 -5.56 -17.85
C GLN D 88 17.92 -6.01 -16.42
N VAL D 89 18.29 -5.09 -15.53
CA VAL D 89 18.30 -5.36 -14.10
C VAL D 89 17.02 -4.82 -13.46
N VAL D 90 16.21 -5.74 -12.93
CA VAL D 90 15.09 -5.38 -12.06
C VAL D 90 15.61 -5.32 -10.62
N SER D 91 15.14 -4.33 -9.87
CA SER D 91 15.58 -4.12 -8.52
C SER D 91 14.40 -3.82 -7.59
N GLY D 92 14.59 -4.12 -6.30
CA GLY D 92 13.61 -3.84 -5.28
C GLY D 92 14.28 -3.98 -3.93
N GLY D 93 13.59 -3.54 -2.90
CA GLY D 93 14.14 -3.58 -1.55
C GLY D 93 13.15 -3.02 -0.57
N MET D 94 13.28 -3.44 0.69
CA MET D 94 12.45 -2.92 1.76
C MET D 94 13.01 -3.25 3.14
N VAL D 95 12.63 -2.45 4.13
CA VAL D 95 12.88 -2.81 5.52
C VAL D 95 11.80 -3.80 5.97
N LEU D 96 12.24 -4.84 6.68
CA LEU D 96 11.34 -5.80 7.31
C LEU D 96 11.61 -5.92 8.80
N GLN D 97 10.60 -5.67 9.62
CA GLN D 97 10.70 -6.00 11.05
C GLN D 97 10.47 -7.50 11.19
N LEU D 98 11.47 -8.22 11.68
CA LEU D 98 11.39 -9.67 11.77
C LEU D 98 11.42 -10.17 13.21
N GLN D 99 10.68 -11.26 13.46
CA GLN D 99 10.75 -12.01 14.70
C GLN D 99 11.62 -13.25 14.49
N GLN D 100 12.09 -13.84 15.58
CA GLN D 100 12.90 -15.07 15.55
C GLN D 100 12.19 -16.19 14.79
N GLY D 101 12.88 -16.80 13.83
CA GLY D 101 12.30 -17.90 13.06
C GLY D 101 11.65 -17.46 11.76
N ASP D 102 11.41 -16.17 11.61
CA ASP D 102 10.85 -15.62 10.37
C ASP D 102 11.78 -15.93 9.19
N GLN D 103 11.19 -16.30 8.06
CA GLN D 103 11.98 -16.60 6.86
C GLN D 103 11.73 -15.54 5.79
N VAL D 104 12.77 -15.21 5.03
CA VAL D 104 12.66 -14.22 3.95
C VAL D 104 13.27 -14.78 2.66
N TRP D 105 12.56 -14.57 1.54
CA TRP D 105 13.00 -15.08 0.23
C TRP D 105 12.45 -14.28 -0.95
N VAL D 106 13.02 -14.50 -2.13
CA VAL D 106 12.55 -13.85 -3.35
C VAL D 106 11.74 -14.84 -4.20
N GLU D 107 10.51 -14.47 -4.54
CA GLU D 107 9.69 -15.28 -5.45
C GLU D 107 9.47 -14.61 -6.78
N LYS D 108 9.52 -15.40 -7.84
CA LYS D 108 9.15 -14.93 -9.17
C LYS D 108 7.68 -15.19 -9.47
N ASP D 109 7.12 -14.35 -10.33
CA ASP D 109 5.83 -14.56 -10.95
C ASP D 109 5.98 -15.80 -11.86
N PRO D 110 5.08 -16.79 -11.72
CA PRO D 110 5.07 -17.94 -12.65
C PRO D 110 4.86 -17.59 -14.13
N LYS D 111 4.08 -16.55 -14.43
CA LYS D 111 3.88 -16.15 -15.82
C LYS D 111 4.96 -15.20 -16.37
N LYS D 112 5.83 -14.70 -15.49
CA LYS D 112 6.87 -13.74 -15.86
C LYS D 112 8.07 -13.96 -14.95
N GLY D 113 8.95 -14.88 -15.33
CA GLY D 113 10.05 -15.26 -14.46
C GLY D 113 11.32 -15.67 -15.17
N HIS D 114 11.69 -14.92 -16.21
CA HIS D 114 12.95 -15.20 -16.88
C HIS D 114 14.12 -14.57 -16.14
N ILE D 115 15.01 -15.42 -15.66
CA ILE D 115 16.23 -14.95 -15.03
C ILE D 115 17.39 -15.46 -15.89
N TYR D 116 18.31 -14.56 -16.23
CA TYR D 116 19.48 -14.92 -17.00
C TYR D 116 20.32 -16.00 -16.30
N GLN D 117 20.69 -17.03 -17.05
CA GLN D 117 21.61 -18.05 -16.59
C GLN D 117 22.85 -18.06 -17.50
N GLY D 118 24.01 -17.79 -16.92
CA GLY D 118 25.24 -17.69 -17.68
C GLY D 118 26.31 -16.97 -16.91
N SER D 119 27.43 -16.70 -17.56
CA SER D 119 28.62 -16.18 -16.89
C SER D 119 28.94 -14.71 -17.16
N GLU D 120 28.25 -14.10 -18.13
CA GLU D 120 28.49 -12.70 -18.51
C GLU D 120 28.21 -11.71 -17.37
N ALA D 121 27.09 -11.87 -16.67
CA ALA D 121 26.72 -10.97 -15.59
C ALA D 121 25.93 -11.68 -14.48
N ASP D 122 25.65 -10.95 -13.41
CA ASP D 122 25.19 -11.52 -12.16
C ASP D 122 23.83 -11.04 -11.67
N SER D 123 23.16 -11.90 -10.90
CA SER D 123 21.98 -11.53 -10.13
C SER D 123 22.31 -11.69 -8.66
N VAL D 124 21.83 -10.78 -7.82
CA VAL D 124 22.24 -10.75 -6.42
C VAL D 124 21.03 -10.53 -5.50
N PHE D 125 21.09 -11.18 -4.32
CA PHE D 125 20.11 -11.03 -3.23
C PHE D 125 20.91 -10.76 -1.94
N SER D 126 20.63 -9.62 -1.32
CA SER D 126 21.34 -9.23 -0.09
C SER D 126 20.38 -8.84 1.01
N GLY D 127 20.88 -8.87 2.23
CA GLY D 127 20.15 -8.45 3.40
C GLY D 127 21.07 -8.25 4.58
N PHE D 128 20.66 -7.39 5.50
CA PHE D 128 21.43 -7.11 6.69
C PHE D 128 20.56 -6.54 7.79
N LEU D 129 20.93 -6.82 9.02
CA LEU D 129 20.29 -6.20 10.16
C LEU D 129 20.59 -4.69 10.20
N ILE D 130 19.57 -3.89 10.47
CA ILE D 130 19.75 -2.46 10.70
C ILE D 130 19.91 -2.23 12.19
N PHE D 131 18.96 -2.72 12.99
CA PHE D 131 19.09 -2.74 14.44
C PHE D 131 18.17 -3.80 15.07
N PRO D 132 18.61 -4.41 16.21
CA PRO D 132 17.77 -5.35 16.96
C PRO D 132 16.65 -4.66 17.72
N SER D 133 15.59 -5.40 18.03
CA SER D 133 14.43 -4.84 18.71
C SER D 133 14.28 -5.41 20.13
N THR E 2 34.02 4.31 18.42
CA THR E 2 32.84 4.33 17.51
C THR E 2 33.24 4.68 16.05
N GLN E 3 33.23 3.66 15.20
CA GLN E 3 33.71 3.79 13.82
C GLN E 3 32.58 4.05 12.81
N LYS E 4 32.32 5.32 12.56
CA LYS E 4 31.29 5.75 11.62
C LYS E 4 31.94 5.95 10.26
N ILE E 5 31.74 4.98 9.37
CA ILE E 5 32.39 4.97 8.06
C ILE E 5 31.34 4.81 6.97
N ALA E 6 31.16 5.86 6.17
CA ALA E 6 30.20 5.86 5.07
C ALA E 6 30.61 6.86 4.00
N PHE E 7 30.32 6.55 2.74
CA PHE E 7 30.64 7.47 1.66
C PHE E 7 29.62 7.36 0.53
N SER E 8 29.32 8.51 -0.07
CA SER E 8 28.53 8.63 -1.29
C SER E 8 29.25 9.65 -2.18
N ALA E 9 29.67 9.23 -3.37
CA ALA E 9 30.29 10.13 -4.33
C ALA E 9 29.71 9.98 -5.72
N THR E 10 29.50 11.11 -6.40
CA THR E 10 28.99 11.09 -7.78
C THR E 10 30.12 11.31 -8.78
N ARG E 11 29.89 10.87 -10.01
CA ARG E 11 30.82 11.12 -11.09
C ARG E 11 30.31 12.32 -11.89
N THR E 12 31.14 13.35 -11.99
CA THR E 12 30.82 14.55 -12.78
C THR E 12 31.81 14.70 -13.93
N ILE E 13 32.95 14.03 -13.79
CA ILE E 13 33.95 13.96 -14.85
C ILE E 13 33.31 13.60 -16.21
N ASN E 14 33.55 14.46 -17.21
CA ASN E 14 33.01 14.32 -18.56
C ASN E 14 34.06 13.74 -19.51
N VAL E 15 34.41 12.48 -19.29
CA VAL E 15 35.44 11.78 -20.07
C VAL E 15 35.04 10.30 -20.19
N PRO E 16 34.94 9.77 -21.43
CA PRO E 16 34.55 8.37 -21.64
C PRO E 16 35.45 7.36 -20.91
N LEU E 17 34.92 6.18 -20.63
CA LEU E 17 35.68 5.16 -19.89
C LEU E 17 36.33 4.16 -20.83
N ARG E 18 37.57 3.79 -20.50
CA ARG E 18 38.28 2.74 -21.24
C ARG E 18 38.17 1.42 -20.49
N ARG E 19 38.21 0.32 -21.25
CA ARG E 19 38.18 -1.04 -20.70
C ARG E 19 39.17 -1.20 -19.54
N ASP E 20 38.73 -1.79 -18.44
CA ASP E 20 39.58 -2.09 -17.27
C ASP E 20 40.00 -0.87 -16.44
N GLN E 21 39.43 0.28 -16.77
CA GLN E 21 39.68 1.52 -16.05
C GLN E 21 38.86 1.55 -14.77
N THR E 22 39.48 1.96 -13.68
CA THR E 22 38.79 2.21 -12.44
C THR E 22 37.84 3.40 -12.65
N ILE E 23 36.55 3.20 -12.35
CA ILE E 23 35.56 4.25 -12.50
C ILE E 23 35.65 5.22 -11.30
N ARG E 24 36.05 6.45 -11.60
CA ARG E 24 36.24 7.47 -10.58
C ARG E 24 34.93 8.20 -10.33
N PHE E 25 34.54 8.31 -9.07
CA PHE E 25 33.43 9.16 -8.64
C PHE E 25 34.01 10.35 -7.89
N ASP E 26 34.18 11.44 -8.62
CA ASP E 26 35.04 12.55 -8.20
C ASP E 26 34.42 13.53 -7.19
N HIS E 27 33.10 13.58 -7.13
CA HIS E 27 32.37 14.56 -6.31
C HIS E 27 31.79 13.90 -5.07
N VAL E 28 32.33 14.25 -3.91
CA VAL E 28 31.92 13.61 -2.66
C VAL E 28 30.73 14.31 -1.99
N ILE E 29 29.67 13.53 -1.75
CA ILE E 29 28.50 13.99 -1.02
C ILE E 29 28.73 13.69 0.47
N THR E 30 29.21 12.49 0.76
CA THR E 30 29.51 12.05 2.12
C THR E 30 30.79 11.21 2.08
N ASN E 31 31.62 11.35 3.11
CA ASN E 31 32.88 10.60 3.22
C ASN E 31 33.39 10.59 4.67
N MET E 32 32.54 10.11 5.58
CA MET E 32 32.88 9.97 6.99
C MET E 32 34.01 8.95 7.17
N ASN E 33 35.06 9.38 7.88
CA ASN E 33 36.30 8.60 8.16
C ASN E 33 37.33 8.66 7.03
N ASN E 34 36.93 9.28 5.91
CA ASN E 34 37.77 9.49 4.73
C ASN E 34 38.47 8.20 4.23
N ASN E 35 37.67 7.14 4.15
CA ASN E 35 38.13 5.83 3.65
C ASN E 35 37.91 5.67 2.16
N TYR E 36 37.16 6.60 1.57
CA TYR E 36 37.01 6.66 0.12
C TYR E 36 37.92 7.74 -0.46
N GLU E 37 38.60 7.43 -1.57
CA GLU E 37 39.44 8.42 -2.24
C GLU E 37 38.83 8.87 -3.57
N PRO E 38 38.28 10.10 -3.62
CA PRO E 38 37.68 10.70 -4.80
C PRO E 38 38.64 10.85 -6.00
N ARG E 39 39.94 10.91 -5.72
CA ARG E 39 40.96 11.01 -6.76
C ARG E 39 41.10 9.72 -7.56
N SER E 40 40.97 8.58 -6.87
CA SER E 40 41.08 7.27 -7.51
C SER E 40 39.72 6.66 -7.82
N GLY E 41 38.76 6.80 -6.91
CA GLY E 41 37.48 6.12 -7.01
C GLY E 41 37.44 4.85 -6.19
N LYS E 42 38.48 4.62 -5.40
CA LYS E 42 38.61 3.42 -4.58
C LYS E 42 38.28 3.68 -3.11
N PHE E 43 37.63 2.71 -2.48
CA PHE E 43 37.47 2.72 -1.03
C PHE E 43 38.56 1.83 -0.46
N THR E 44 39.24 2.28 0.58
CA THR E 44 40.27 1.43 1.20
C THR E 44 39.95 1.19 2.67
N CYS E 45 39.75 -0.09 3.01
CA CYS E 45 39.39 -0.50 4.37
C CYS E 45 40.50 -0.19 5.39
N LYS E 46 40.12 0.51 6.46
CA LYS E 46 40.98 0.72 7.64
C LYS E 46 40.49 -0.17 8.77
N VAL E 47 39.17 -0.20 8.93
CA VAL E 47 38.50 -0.94 10.01
C VAL E 47 37.88 -2.21 9.42
N PRO E 48 38.51 -3.38 9.65
CA PRO E 48 37.96 -4.65 9.15
C PRO E 48 36.51 -4.89 9.56
N GLY E 49 35.76 -5.64 8.75
CA GLY E 49 34.38 -5.94 9.07
C GLY E 49 33.47 -5.99 7.87
N LEU E 50 32.17 -5.95 8.14
CA LEU E 50 31.14 -6.07 7.11
C LEU E 50 30.64 -4.73 6.59
N TYR E 51 30.70 -4.59 5.27
CA TYR E 51 30.34 -3.37 4.57
C TYR E 51 29.30 -3.68 3.51
N TYR E 52 28.41 -2.70 3.28
CA TYR E 52 27.50 -2.75 2.15
C TYR E 52 27.92 -1.72 1.11
N PHE E 53 28.07 -2.18 -0.14
CA PHE E 53 28.44 -1.32 -1.25
C PHE E 53 27.34 -1.33 -2.29
N THR E 54 27.11 -0.16 -2.88
CA THR E 54 26.01 0.02 -3.78
C THR E 54 26.29 1.16 -4.75
N TYR E 55 25.61 1.19 -5.87
CA TYR E 55 25.76 2.27 -6.84
C TYR E 55 24.52 2.34 -7.72
N HIS E 56 24.31 3.51 -8.32
CA HIS E 56 23.29 3.68 -9.35
C HIS E 56 23.95 4.41 -10.50
N ALA E 57 23.84 3.84 -11.69
CA ALA E 57 24.48 4.41 -12.87
C ALA E 57 23.46 4.78 -13.91
N SER E 58 23.46 6.06 -14.29
CA SER E 58 22.70 6.53 -15.45
C SER E 58 23.49 6.21 -16.71
N SER E 59 22.79 5.84 -17.77
CA SER E 59 23.44 5.42 -19.00
C SER E 59 22.59 5.71 -20.24
N ARG E 60 23.21 5.65 -21.40
CA ARG E 60 22.57 6.02 -22.66
C ARG E 60 22.59 4.83 -23.63
N GLY E 61 23.37 3.82 -23.29
CA GLY E 61 23.47 2.57 -24.04
C GLY E 61 23.95 1.46 -23.11
N ASN E 62 24.65 0.47 -23.67
CA ASN E 62 25.05 -0.70 -22.91
C ASN E 62 26.14 -0.42 -21.88
N LEU E 63 25.94 -0.95 -20.67
CA LEU E 63 26.88 -0.79 -19.56
C LEU E 63 27.03 -2.10 -18.77
N CYS E 64 28.29 -2.53 -18.62
CA CYS E 64 28.68 -3.56 -17.67
C CYS E 64 29.76 -3.00 -16.78
N VAL E 65 29.60 -3.23 -15.48
CA VAL E 65 30.57 -2.78 -14.48
C VAL E 65 31.04 -4.00 -13.67
N ASN E 66 32.33 -4.01 -13.31
CA ASN E 66 32.85 -5.04 -12.42
C ASN E 66 33.02 -4.45 -11.04
N LEU E 67 32.50 -5.13 -10.02
CA LEU E 67 32.78 -4.74 -8.63
C LEU E 67 34.05 -5.45 -8.16
N MET E 68 35.04 -4.68 -7.75
CA MET E 68 36.39 -5.23 -7.47
C MET E 68 36.75 -5.17 -6.00
N ARG E 69 37.46 -6.20 -5.52
CA ARG E 69 38.04 -6.25 -4.16
C ARG E 69 39.50 -6.76 -4.18
N GLY E 70 40.29 -6.34 -3.20
CA GLY E 70 41.65 -6.85 -3.01
C GLY E 70 42.68 -5.86 -2.49
N ARG E 71 43.70 -6.36 -1.79
CA ARG E 71 44.83 -5.56 -1.30
C ARG E 71 45.78 -5.22 -2.43
N GLU E 72 46.55 -6.22 -2.87
CA GLU E 72 47.59 -5.96 -3.87
C GLU E 72 47.15 -6.20 -5.30
N ARG E 73 46.34 -7.23 -5.52
CA ARG E 73 45.79 -7.47 -6.84
C ARG E 73 44.28 -7.51 -6.70
N ALA E 74 43.60 -6.64 -7.41
CA ALA E 74 42.14 -6.61 -7.35
C ALA E 74 41.57 -7.75 -8.17
N GLN E 75 40.55 -8.40 -7.64
N GLN E 75 40.54 -8.39 -7.64
CA GLN E 75 39.82 -9.41 -8.39
CA GLN E 75 39.79 -9.44 -8.33
C GLN E 75 38.33 -9.09 -8.32
C GLN E 75 38.32 -9.07 -8.32
N LYS E 76 37.63 -9.38 -9.42
CA LYS E 76 36.22 -9.07 -9.54
C LYS E 76 35.36 -10.04 -8.74
N VAL E 77 34.42 -9.46 -8.01
CA VAL E 77 33.48 -10.23 -7.22
C VAL E 77 32.29 -10.59 -8.11
N VAL E 78 31.70 -9.57 -8.73
CA VAL E 78 30.58 -9.73 -9.63
C VAL E 78 30.72 -8.77 -10.81
N THR E 79 29.94 -9.01 -11.86
CA THR E 79 29.77 -8.09 -12.96
C THR E 79 28.28 -7.83 -13.09
N PHE E 80 27.90 -6.56 -13.21
CA PHE E 80 26.51 -6.18 -13.46
C PHE E 80 26.37 -5.58 -14.84
N CYS E 81 25.50 -6.17 -15.65
CA CYS E 81 25.21 -5.67 -16.98
C CYS E 81 23.75 -5.26 -17.08
N ASP E 82 23.52 -4.10 -17.68
CA ASP E 82 22.19 -3.60 -17.95
C ASP E 82 22.24 -2.88 -19.30
N TYR E 83 21.55 -3.42 -20.28
CA TYR E 83 21.61 -2.90 -21.65
C TYR E 83 20.48 -1.92 -21.95
N ALA E 84 20.77 -0.97 -22.85
CA ALA E 84 19.78 -0.02 -23.37
C ALA E 84 20.10 0.31 -24.83
N TYR E 85 19.07 0.24 -25.67
CA TYR E 85 19.20 0.49 -27.09
C TYR E 85 18.49 1.80 -27.42
N ASN E 86 19.26 2.83 -27.74
CA ASN E 86 18.69 4.13 -28.12
C ASN E 86 17.60 4.59 -27.11
N THR E 87 17.99 4.62 -25.84
CA THR E 87 17.13 5.09 -24.75
C THR E 87 18.02 5.44 -23.56
N PHE E 88 17.43 6.02 -22.52
CA PHE E 88 18.17 6.34 -21.30
C PHE E 88 17.74 5.42 -20.16
N GLN E 89 18.72 4.97 -19.39
CA GLN E 89 18.47 4.02 -18.33
C GLN E 89 19.16 4.41 -17.03
N VAL E 90 18.64 3.89 -15.94
CA VAL E 90 19.36 3.88 -14.67
C VAL E 90 19.39 2.44 -14.15
N THR E 91 20.58 2.02 -13.72
CA THR E 91 20.77 0.68 -13.21
C THR E 91 21.46 0.68 -11.86
N THR E 92 21.48 -0.47 -11.20
CA THR E 92 22.01 -0.56 -9.86
C THR E 92 22.63 -1.92 -9.58
N GLY E 93 23.57 -1.91 -8.64
CA GLY E 93 24.22 -3.11 -8.14
C GLY E 93 24.51 -2.88 -6.67
N GLY E 94 24.79 -3.97 -5.96
CA GLY E 94 24.95 -3.93 -4.51
C GLY E 94 25.58 -5.20 -4.02
N MET E 95 26.29 -5.12 -2.90
CA MET E 95 26.96 -6.27 -2.32
C MET E 95 27.34 -6.02 -0.87
N VAL E 96 27.06 -7.01 -0.03
CA VAL E 96 27.60 -7.09 1.32
C VAL E 96 28.95 -7.81 1.22
N LEU E 97 30.01 -7.14 1.68
CA LEU E 97 31.35 -7.73 1.69
C LEU E 97 31.99 -7.70 3.08
N LYS E 98 32.60 -8.82 3.46
CA LYS E 98 33.50 -8.82 4.62
C LYS E 98 34.85 -8.31 4.15
N LEU E 99 35.41 -7.33 4.86
CA LEU E 99 36.64 -6.68 4.44
C LEU E 99 37.75 -6.75 5.47
N GLU E 100 38.97 -7.02 5.01
CA GLU E 100 40.17 -6.95 5.85
C GLU E 100 40.86 -5.60 5.64
N GLN E 101 41.63 -5.18 6.65
CA GLN E 101 42.38 -3.93 6.59
C GLN E 101 43.32 -3.91 5.39
N GLY E 102 43.31 -2.79 4.66
CA GLY E 102 44.15 -2.64 3.47
C GLY E 102 43.47 -3.00 2.17
N GLU E 103 42.34 -3.69 2.24
CA GLU E 103 41.61 -4.08 1.03
C GLU E 103 40.84 -2.92 0.44
N ASN E 104 40.92 -2.75 -0.88
CA ASN E 104 40.11 -1.74 -1.55
C ASN E 104 38.97 -2.31 -2.37
N VAL E 105 37.91 -1.51 -2.48
CA VAL E 105 36.73 -1.85 -3.27
C VAL E 105 36.45 -0.69 -4.21
N PHE E 106 36.25 -1.03 -5.48
CA PHE E 106 35.95 -0.03 -6.50
C PHE E 106 35.21 -0.69 -7.64
N LEU E 107 34.68 0.17 -8.52
CA LEU E 107 33.98 -0.25 -9.73
C LEU E 107 34.90 -0.08 -10.92
N GLN E 108 34.88 -1.06 -11.82
CA GLN E 108 35.77 -1.09 -12.96
C GLN E 108 35.01 -1.23 -14.30
N ALA E 109 35.33 -0.34 -15.24
CA ALA E 109 34.69 -0.32 -16.56
C ALA E 109 35.04 -1.54 -17.42
N THR E 110 34.21 -1.79 -18.42
CA THR E 110 34.41 -2.88 -19.37
C THR E 110 34.34 -2.37 -20.81
N ASP E 111 34.12 -3.30 -21.73
CA ASP E 111 33.72 -3.05 -23.10
C ASP E 111 32.53 -2.09 -23.18
N LYS E 112 31.51 -2.39 -22.36
CA LYS E 112 30.26 -1.64 -22.34
C LYS E 112 30.39 -0.52 -21.32
N ASN E 113 30.60 0.70 -21.82
CA ASN E 113 31.06 1.82 -21.01
C ASN E 113 30.20 3.09 -21.11
N SER E 114 28.94 2.93 -21.51
CA SER E 114 28.01 4.05 -21.59
C SER E 114 27.59 4.48 -20.18
N LEU E 115 28.19 5.56 -19.68
CA LEU E 115 27.88 6.04 -18.34
C LEU E 115 27.79 7.56 -18.29
N LEU E 116 26.69 8.06 -17.76
CA LEU E 116 26.47 9.51 -17.66
C LEU E 116 26.69 10.00 -16.25
N GLY E 117 27.30 11.19 -16.14
CA GLY E 117 27.52 11.83 -14.85
C GLY E 117 27.31 13.32 -14.96
N MET E 118 26.10 13.77 -14.63
CA MET E 118 25.74 15.17 -14.79
C MET E 118 24.50 15.54 -13.98
N GLU E 119 24.30 16.84 -13.79
CA GLU E 119 23.07 17.36 -13.20
C GLU E 119 21.87 16.87 -14.02
N GLY E 120 20.95 16.16 -13.36
CA GLY E 120 19.77 15.62 -14.04
C GLY E 120 19.89 14.17 -14.48
N ALA E 121 21.09 13.60 -14.33
CA ALA E 121 21.37 12.20 -14.66
C ALA E 121 22.63 11.75 -13.95
N ASN E 122 22.49 11.48 -12.66
CA ASN E 122 23.65 11.18 -11.79
C ASN E 122 24.05 9.72 -11.82
N SER E 123 25.34 9.51 -11.61
CA SER E 123 25.88 8.19 -11.29
C SER E 123 26.56 8.31 -9.93
N ILE E 124 26.11 7.48 -8.98
CA ILE E 124 26.59 7.55 -7.59
C ILE E 124 27.18 6.21 -7.14
N PHE E 125 28.17 6.27 -6.25
CA PHE E 125 28.82 5.10 -5.66
C PHE E 125 28.83 5.38 -4.17
N SER E 126 28.24 4.47 -3.40
CA SER E 126 28.14 4.60 -1.96
C SER E 126 28.56 3.31 -1.26
N GLY E 127 28.95 3.42 0.01
CA GLY E 127 29.26 2.26 0.82
C GLY E 127 29.25 2.62 2.29
N PHE E 128 28.97 1.65 3.15
CA PHE E 128 28.99 1.90 4.59
C PHE E 128 29.28 0.67 5.43
N LEU E 129 29.84 0.91 6.60
CA LEU E 129 30.10 -0.14 7.58
C LEU E 129 28.81 -0.62 8.23
N LEU E 130 28.64 -1.94 8.24
CA LEU E 130 27.52 -2.57 8.91
C LEU E 130 27.94 -2.96 10.33
N PHE E 131 28.99 -3.79 10.42
CA PHE E 131 29.56 -4.21 11.69
C PHE E 131 31.09 -4.34 11.56
N PRO E 132 31.84 -3.81 12.54
CA PRO E 132 33.30 -4.03 12.56
C PRO E 132 33.69 -5.40 13.13
N ASP E 133 34.90 -5.87 12.82
CA ASP E 133 35.44 -7.11 13.37
C ASP E 133 36.05 -6.87 14.76
N MET E 134 37.10 -7.40 15.14
N LYS F 3 11.88 6.42 20.06
CA LYS F 3 13.10 5.57 19.87
C LYS F 3 14.35 6.40 19.59
N PHE F 4 15.50 5.76 19.77
CA PHE F 4 16.80 6.35 19.47
C PHE F 4 17.30 5.82 18.13
N GLN F 5 16.36 5.30 17.35
CA GLN F 5 16.61 4.77 16.02
C GLN F 5 15.74 5.52 15.00
N SER F 6 16.00 5.29 13.72
CA SER F 6 15.13 5.79 12.66
C SER F 6 15.06 4.83 11.47
N VAL F 7 13.83 4.42 11.14
CA VAL F 7 13.61 3.55 9.99
C VAL F 7 12.24 3.78 9.36
N PHE F 8 12.17 3.59 8.04
CA PHE F 8 10.90 3.58 7.32
C PHE F 8 11.03 2.91 5.97
N THR F 9 9.93 2.25 5.58
CA THR F 9 9.69 1.84 4.21
C THR F 9 8.25 2.21 3.97
N VAL F 10 8.05 3.10 2.99
CA VAL F 10 6.75 3.60 2.63
C VAL F 10 6.53 3.32 1.16
N THR F 11 5.27 3.21 0.77
CA THR F 11 4.98 2.79 -0.56
C THR F 11 3.90 3.68 -1.13
N ARG F 12 3.77 3.66 -2.45
CA ARG F 12 2.82 4.52 -3.12
C ARG F 12 1.68 3.70 -3.68
N GLN F 13 0.57 3.66 -2.94
CA GLN F 13 -0.58 2.86 -3.36
C GLN F 13 -1.69 3.69 -4.02
N THR F 14 -1.51 3.90 -5.32
CA THR F 14 -2.45 4.60 -6.17
C THR F 14 -2.04 4.30 -7.61
N HIS F 15 -3.02 4.32 -8.49
CA HIS F 15 -2.78 4.06 -9.89
C HIS F 15 -2.64 5.37 -10.70
N GLN F 16 -2.94 6.50 -10.07
CA GLN F 16 -2.65 7.81 -10.68
C GLN F 16 -1.24 8.26 -10.33
N PRO F 17 -0.45 8.66 -11.35
CA PRO F 17 0.96 9.02 -11.12
C PRO F 17 1.07 10.42 -10.51
N PRO F 18 2.23 10.81 -9.97
CA PRO F 18 2.37 12.17 -9.45
C PRO F 18 2.08 13.25 -10.51
N ALA F 19 1.71 14.45 -10.05
CA ALA F 19 1.65 15.61 -10.92
C ALA F 19 3.07 15.94 -11.40
N PRO F 20 3.20 16.49 -12.64
CA PRO F 20 4.55 16.85 -13.07
C PRO F 20 5.16 17.91 -12.16
N ASN F 21 6.49 17.91 -12.02
CA ASN F 21 7.22 18.89 -11.23
C ASN F 21 6.69 19.06 -9.77
N SER F 22 6.48 17.94 -9.09
CA SER F 22 5.89 17.93 -7.76
C SER F 22 6.56 16.92 -6.84
N LEU F 23 6.35 17.11 -5.54
CA LEU F 23 6.79 16.18 -4.52
C LEU F 23 6.00 14.87 -4.65
N ILE F 24 6.67 13.73 -4.51
CA ILE F 24 6.02 12.41 -4.61
C ILE F 24 5.55 11.98 -3.22
N ARG F 25 4.24 11.82 -3.07
N ARG F 25 4.24 11.78 -3.07
CA ARG F 25 3.70 11.30 -1.82
CA ARG F 25 3.68 11.34 -1.79
C ARG F 25 3.63 9.80 -1.83
C ARG F 25 3.48 9.84 -1.73
N PHE F 26 4.15 9.21 -0.77
CA PHE F 26 4.01 7.79 -0.52
C PHE F 26 2.98 7.69 0.60
N ASN F 27 1.78 7.22 0.25
CA ASN F 27 0.65 7.28 1.17
C ASN F 27 0.50 6.09 2.14
N ALA F 28 1.22 5.01 1.84
CA ALA F 28 1.08 3.75 2.57
C ALA F 28 2.36 3.32 3.26
N VAL F 29 2.23 2.93 4.54
CA VAL F 29 3.34 2.52 5.36
C VAL F 29 3.51 1.00 5.45
N LEU F 30 4.74 0.53 5.24
CA LEU F 30 5.10 -0.85 5.48
C LEU F 30 5.71 -0.97 6.88
N THR F 31 6.63 -0.06 7.19
CA THR F 31 7.14 0.15 8.56
C THR F 31 7.54 1.62 8.69
N ASN F 32 7.26 2.22 9.84
CA ASN F 32 7.52 3.65 10.13
C ASN F 32 7.30 3.90 11.63
N PRO F 33 8.06 3.19 12.48
CA PRO F 33 7.79 3.18 13.95
C PRO F 33 8.00 4.52 14.69
N GLN F 34 8.87 5.39 14.17
CA GLN F 34 9.09 6.68 14.83
C GLN F 34 8.24 7.78 14.19
N GLY F 35 7.57 7.42 13.10
CA GLY F 35 6.75 8.36 12.35
C GLY F 35 7.58 9.47 11.71
N ASP F 36 8.82 9.14 11.37
CA ASP F 36 9.78 10.09 10.77
C ASP F 36 9.39 10.50 9.36
N TYR F 37 8.86 9.56 8.58
CA TYR F 37 8.23 9.90 7.32
C TYR F 37 6.76 10.23 7.58
N ASP F 38 6.31 11.37 7.04
CA ASP F 38 4.93 11.79 7.21
C ASP F 38 4.16 11.61 5.91
N THR F 39 3.14 10.74 5.95
CA THR F 39 2.37 10.40 4.75
C THR F 39 1.44 11.53 4.32
N SER F 40 1.06 12.39 5.25
CA SER F 40 0.20 13.52 4.92
C SER F 40 0.95 14.66 4.20
N THR F 41 2.26 14.77 4.38
CA THR F 41 3.06 15.80 3.71
C THR F 41 4.00 15.25 2.64
N GLY F 42 4.33 13.96 2.76
CA GLY F 42 5.25 13.30 1.83
C GLY F 42 6.71 13.48 2.19
N LYS F 43 6.98 13.97 3.40
CA LYS F 43 8.34 14.33 3.77
C LYS F 43 8.84 13.49 4.93
N PHE F 44 10.12 13.13 4.85
CA PHE F 44 10.83 12.66 6.02
C PHE F 44 11.37 13.89 6.76
N THR F 45 11.21 13.92 8.08
CA THR F 45 11.87 14.94 8.92
C THR F 45 12.70 14.29 10.06
N CYS F 46 13.97 14.65 10.08
CA CYS F 46 14.92 14.13 11.05
C CYS F 46 14.62 14.53 12.50
N LYS F 47 14.43 13.51 13.36
CA LYS F 47 14.37 13.68 14.82
C LYS F 47 15.73 13.39 15.47
N VAL F 48 16.38 12.32 15.00
CA VAL F 48 17.63 11.83 15.56
C VAL F 48 18.75 12.13 14.55
N PRO F 49 19.68 13.04 14.91
CA PRO F 49 20.71 13.45 13.96
C PRO F 49 21.73 12.33 13.70
N GLY F 50 22.37 12.36 12.53
CA GLY F 50 23.39 11.37 12.20
C GLY F 50 23.36 10.94 10.75
N LEU F 51 24.06 9.85 10.45
CA LEU F 51 24.16 9.38 9.06
C LEU F 51 23.03 8.41 8.66
N TYR F 52 22.36 8.77 7.56
CA TYR F 52 21.17 8.07 7.07
C TYR F 52 21.46 7.51 5.71
N TYR F 53 20.89 6.34 5.42
CA TYR F 53 20.84 5.81 4.07
C TYR F 53 19.43 5.95 3.55
N PHE F 54 19.32 6.51 2.34
CA PHE F 54 18.05 6.64 1.64
C PHE F 54 18.14 5.95 0.29
N VAL F 55 17.10 5.18 -0.04
CA VAL F 55 17.02 4.42 -1.29
C VAL F 55 15.55 4.27 -1.70
N TYR F 56 15.29 4.28 -3.01
CA TYR F 56 13.94 4.05 -3.53
C TYR F 56 14.01 3.11 -4.72
N HIS F 57 12.89 2.45 -4.99
CA HIS F 57 12.68 1.67 -6.19
C HIS F 57 11.30 2.03 -6.75
N ALA F 58 11.28 2.67 -7.92
CA ALA F 58 10.05 3.22 -8.52
C ALA F 58 9.69 2.59 -9.89
N SER F 59 8.50 1.97 -9.96
CA SER F 59 8.01 1.33 -11.18
C SER F 59 7.37 2.34 -12.13
N HIS F 60 7.67 2.22 -13.42
CA HIS F 60 7.11 3.15 -14.41
C HIS F 60 6.95 2.54 -15.79
N THR F 61 5.88 2.97 -16.47
CA THR F 61 5.61 2.52 -17.85
C THR F 61 5.77 3.65 -18.88
N ALA F 62 6.22 4.81 -18.42
CA ALA F 62 6.69 5.89 -19.31
C ALA F 62 7.87 6.57 -18.65
N ASN F 63 8.42 7.63 -19.25
CA ASN F 63 9.62 8.28 -18.69
C ASN F 63 9.51 8.69 -17.23
N LEU F 64 10.59 8.50 -16.47
CA LEU F 64 10.61 8.86 -15.05
C LEU F 64 11.97 9.32 -14.52
N CYS F 65 11.98 10.55 -14.02
CA CYS F 65 13.11 11.09 -13.28
C CYS F 65 12.71 11.28 -11.82
N VAL F 66 13.51 10.73 -10.91
CA VAL F 66 13.27 10.89 -9.49
C VAL F 66 14.41 11.70 -8.94
N LEU F 67 14.05 12.74 -8.20
CA LEU F 67 14.99 13.67 -7.61
C LEU F 67 14.90 13.50 -6.11
N LEU F 68 16.04 13.41 -5.44
CA LEU F 68 16.05 13.43 -3.99
C LEU F 68 16.42 14.83 -3.48
N TYR F 69 15.56 15.37 -2.61
CA TYR F 69 15.76 16.67 -2.00
C TYR F 69 16.13 16.58 -0.52
N ARG F 70 17.15 17.35 -0.13
CA ARG F 70 17.47 17.52 1.27
C ARG F 70 17.42 19.01 1.59
N SER F 71 16.50 19.39 2.48
CA SER F 71 16.39 20.75 2.99
C SER F 71 16.32 21.79 1.88
N GLY F 72 15.55 21.50 0.83
CA GLY F 72 15.30 22.46 -0.24
C GLY F 72 16.27 22.34 -1.40
N VAL F 73 17.26 21.46 -1.23
CA VAL F 73 18.33 21.27 -2.21
C VAL F 73 18.30 19.89 -2.88
N LYS F 74 18.24 19.91 -4.20
CA LYS F 74 18.38 18.72 -5.04
C LYS F 74 19.76 18.06 -4.85
N VAL F 75 19.75 16.82 -4.39
CA VAL F 75 20.98 16.08 -4.11
C VAL F 75 21.38 15.20 -5.28
N VAL F 76 20.40 14.48 -5.85
CA VAL F 76 20.63 13.52 -6.93
C VAL F 76 19.39 13.30 -7.80
N THR F 77 19.62 13.05 -9.09
CA THR F 77 18.54 12.76 -10.04
C THR F 77 18.90 11.50 -10.81
N PHE F 78 17.90 10.64 -10.97
CA PHE F 78 18.03 9.43 -11.76
C PHE F 78 16.78 9.28 -12.66
N CYS F 79 17.01 9.14 -13.95
CA CYS F 79 15.94 9.03 -14.94
C CYS F 79 16.00 7.70 -15.65
N GLY F 80 14.82 7.09 -15.83
CA GLY F 80 14.66 5.92 -16.69
C GLY F 80 13.67 6.20 -17.80
N HIS F 81 14.01 5.85 -19.05
CA HIS F 81 13.07 5.98 -20.16
C HIS F 81 12.51 4.65 -20.61
N THR F 82 11.19 4.62 -20.79
CA THR F 82 10.51 3.40 -21.24
C THR F 82 9.25 3.73 -22.03
N SER F 83 8.87 2.80 -22.91
CA SER F 83 7.69 2.97 -23.75
C SER F 83 6.77 1.77 -23.59
N LYS F 84 5.65 2.01 -22.91
CA LYS F 84 4.59 1.03 -22.64
C LYS F 84 4.93 -0.04 -21.61
N THR F 85 6.10 -0.65 -21.75
CA THR F 85 6.53 -1.75 -20.88
C THR F 85 7.09 -1.22 -19.56
N ASN F 86 7.16 -2.10 -18.58
CA ASN F 86 7.48 -1.73 -17.20
C ASN F 86 8.96 -1.83 -16.88
N GLN F 87 9.49 -0.81 -16.23
CA GLN F 87 10.84 -0.87 -15.64
C GLN F 87 10.89 -0.35 -14.21
N VAL F 88 12.04 -0.49 -13.54
CA VAL F 88 12.23 0.04 -12.20
C VAL F 88 13.35 1.09 -12.18
N ASN F 89 13.01 2.29 -11.71
CA ASN F 89 13.93 3.39 -11.53
C ASN F 89 14.42 3.33 -10.09
N SER F 90 15.74 3.34 -9.91
CA SER F 90 16.34 3.22 -8.59
C SER F 90 17.35 4.35 -8.30
N GLY F 91 17.42 4.75 -7.03
CA GLY F 91 18.36 5.77 -6.63
C GLY F 91 18.59 5.66 -5.15
N GLY F 92 19.61 6.36 -4.66
CA GLY F 92 19.95 6.30 -3.26
C GLY F 92 21.20 7.09 -2.92
N VAL F 93 21.36 7.39 -1.63
CA VAL F 93 22.41 8.28 -1.13
C VAL F 93 22.55 8.18 0.39
N LEU F 94 23.77 8.39 0.88
CA LEU F 94 24.05 8.47 2.31
C LEU F 94 24.20 9.93 2.70
N LEU F 95 23.44 10.37 3.69
CA LEU F 95 23.43 11.77 4.10
C LEU F 95 23.54 11.90 5.61
N ARG F 96 24.40 12.81 6.06
CA ARG F 96 24.52 13.14 7.48
C ARG F 96 23.61 14.32 7.83
N LEU F 97 22.56 14.04 8.59
CA LEU F 97 21.49 15.02 8.83
C LEU F 97 21.48 15.61 10.26
N GLN F 98 21.06 16.86 10.35
CA GLN F 98 20.85 17.59 11.60
C GLN F 98 19.34 17.53 11.96
N VAL F 99 19.02 17.79 13.22
CA VAL F 99 17.65 17.72 13.72
C VAL F 99 16.71 18.69 13.00
N GLY F 100 15.59 18.17 12.52
CA GLY F 100 14.60 18.99 11.84
C GLY F 100 14.79 19.13 10.33
N GLU F 101 15.87 18.54 9.80
CA GLU F 101 16.10 18.51 8.35
C GLU F 101 15.13 17.60 7.60
N GLU F 102 14.61 18.12 6.50
CA GLU F 102 13.64 17.45 5.65
C GLU F 102 14.29 16.75 4.46
N VAL F 103 13.85 15.52 4.19
CA VAL F 103 14.23 14.78 2.99
C VAL F 103 13.00 14.27 2.25
N TRP F 104 12.93 14.51 0.94
CA TRP F 104 11.82 14.02 0.14
C TRP F 104 12.24 13.69 -1.29
N LEU F 105 11.42 12.90 -1.99
CA LEU F 105 11.58 12.63 -3.41
C LEU F 105 10.64 13.49 -4.26
N ALA F 106 11.06 13.81 -5.48
CA ALA F 106 10.23 14.58 -6.41
C ALA F 106 10.36 14.06 -7.84
N VAL F 107 9.45 14.50 -8.71
CA VAL F 107 9.56 14.26 -10.15
C VAL F 107 9.72 15.58 -10.90
N ASN F 108 10.21 15.52 -12.12
CA ASN F 108 10.27 16.71 -12.95
C ASN F 108 9.19 16.66 -14.04
N ASP F 109 9.53 16.91 -15.30
CA ASP F 109 8.56 16.78 -16.39
C ASP F 109 8.33 15.32 -16.72
N TYR F 110 9.31 14.48 -16.40
CA TYR F 110 9.12 13.03 -16.50
C TYR F 110 8.65 12.50 -15.15
N TYR F 111 7.36 12.17 -15.09
CA TYR F 111 6.63 11.98 -13.83
C TYR F 111 5.92 10.63 -13.66
N ASP F 112 6.04 9.74 -14.63
CA ASP F 112 5.26 8.49 -14.61
C ASP F 112 5.68 7.52 -13.51
N MET F 113 4.72 7.09 -12.70
CA MET F 113 4.92 6.04 -11.72
C MET F 113 3.78 5.03 -11.80
N VAL F 114 3.28 4.80 -13.02
CA VAL F 114 2.26 3.78 -13.19
C VAL F 114 2.95 2.46 -13.50
N GLY F 115 3.15 1.65 -12.47
CA GLY F 115 3.68 0.32 -12.67
C GLY F 115 2.56 -0.57 -13.16
N ILE F 116 2.91 -1.63 -13.89
CA ILE F 116 1.93 -2.62 -14.26
C ILE F 116 1.46 -3.36 -13.00
N GLN F 117 0.40 -4.16 -13.13
CA GLN F 117 -0.04 -5.02 -12.04
C GLN F 117 1.14 -5.84 -11.53
N GLY F 118 1.45 -5.68 -10.25
CA GLY F 118 2.53 -6.42 -9.60
C GLY F 118 3.87 -5.71 -9.56
N SER F 119 3.93 -4.49 -10.08
CA SER F 119 5.15 -3.70 -9.99
C SER F 119 4.87 -2.42 -9.20
N ASP F 120 5.60 -2.25 -8.09
CA ASP F 120 5.28 -1.22 -7.11
C ASP F 120 6.39 -0.19 -6.93
N SER F 121 6.10 0.84 -6.12
CA SER F 121 7.03 1.92 -5.85
C SER F 121 7.23 2.05 -4.35
N VAL F 122 8.50 2.09 -3.95
CA VAL F 122 8.92 2.04 -2.55
C VAL F 122 10.04 3.08 -2.27
N PHE F 123 9.95 3.74 -1.12
CA PHE F 123 10.98 4.64 -0.59
C PHE F 123 11.34 4.20 0.85
N SER F 124 12.62 4.02 1.10
CA SER F 124 13.14 3.57 2.39
C SER F 124 14.27 4.46 2.91
N GLY F 125 14.33 4.62 4.22
CA GLY F 125 15.45 5.35 4.86
C GLY F 125 15.72 4.82 6.26
N PHE F 126 17.00 4.78 6.64
CA PHE F 126 17.36 4.32 7.99
C PHE F 126 18.60 5.00 8.58
N LEU F 127 18.50 5.33 9.87
CA LEU F 127 19.65 5.76 10.66
C LEU F 127 20.69 4.66 10.78
N LEU F 128 21.95 4.98 10.45
CA LEU F 128 23.09 4.05 10.63
C LEU F 128 23.99 4.46 11.80
N PHE F 129 24.43 5.71 11.83
CA PHE F 129 25.32 6.21 12.88
C PHE F 129 24.77 7.47 13.55
N PRO F 130 24.27 7.33 14.78
CA PRO F 130 23.73 8.48 15.52
C PRO F 130 24.83 9.41 15.98
N ASP F 131 24.56 10.71 15.97
CA ASP F 131 25.46 11.71 16.56
C ASP F 131 24.74 12.95 17.08
C1 SGN G . 12.51 23.57 -7.82
C2 SGN G . 11.81 24.89 -7.45
C3 SGN G . 11.72 25.11 -5.94
C4 SGN G . 11.34 23.83 -5.17
C5 SGN G . 12.03 22.58 -5.70
C6 SGN G . 11.43 21.33 -5.06
N2 SGN G . 12.49 26.02 -8.07
O1 SGN G . 13.90 23.65 -7.57
O3 SGN G . 10.79 26.12 -5.65
O4 SGN G . 11.66 24.00 -3.80
O5 SGN G . 11.93 22.50 -7.11
O6 SGN G . 10.70 20.60 -6.03
S1 SGN G . 11.87 26.75 -9.35
O1S SGN G . 12.93 27.60 -9.91
O2S SGN G . 10.74 27.55 -8.87
O3S SGN G . 11.45 25.73 -10.30
S2 SGN G . 9.54 19.66 -5.59
O4S SGN G . 8.46 20.48 -5.04
O5S SGN G . 10.09 18.78 -4.56
O6S SGN G . 9.12 18.94 -6.78
C1 IDU G . 10.49 24.41 -3.08
C2 IDU G . 10.40 23.69 -1.72
C3 IDU G . 10.99 24.46 -0.54
C4 IDU G . 10.84 25.99 -0.65
C5 IDU G . 11.16 26.50 -2.04
C6 IDU G . 10.93 27.98 -2.12
O2 IDU G . 9.04 23.38 -1.46
O3 IDU G . 12.38 24.14 -0.39
O5 IDU G . 10.32 25.85 -3.00
O61 IDU G . 11.93 28.74 -2.07
O6 IDU G . 9.74 28.40 -2.22
S IDU G . 8.52 21.83 -1.47
O1S IDU G . 7.12 21.77 -1.94
O2S IDU G . 8.62 21.29 -0.10
O3S IDU G . 9.36 21.03 -2.39
C1 NAG H . -27.50 22.85 -4.58
C2 NAG H . -28.36 22.92 -5.83
C3 NAG H . -29.38 24.05 -5.71
C4 NAG H . -30.13 24.03 -4.37
C5 NAG H . -29.18 23.82 -3.19
C6 NAG H . -29.93 23.58 -1.88
C7 NAG H . -26.89 22.07 -7.62
C8 NAG H . -27.70 21.11 -8.45
N2 NAG H . -27.54 23.08 -7.02
O1 NAG H . -26.68 21.70 -4.66
O3 NAG H . -30.31 23.95 -6.76
O4 NAG H . -30.87 25.23 -4.23
O5 NAG H . -28.32 22.72 -3.43
O6 NAG H . -29.02 23.22 -0.86
O7 NAG H . -25.68 21.93 -7.54
#